data_2D1F
#
_entry.id   2D1F
#
_cell.length_a   55.964
_cell.length_b   55.964
_cell.length_c   368.378
_cell.angle_alpha   90.00
_cell.angle_beta   90.00
_cell.angle_gamma   120.00
#
_symmetry.space_group_name_H-M   'P 61'
#
loop_
_entity.id
_entity.type
_entity.pdbx_description
1 polymer 'Threonine synthase'
2 non-polymer "PYRIDOXAL-5'-PHOSPHATE"
3 water water
#
_entity_poly.entity_id   1
_entity_poly.type   'polypeptide(L)'
_entity_poly.pdbx_seq_one_letter_code
;MTVPPTATHQPWPGVIAAYRDRLPVGDDWTPVTLLEGGTPLIAATNLSKQTGCTIHLKVEGLNPTGSFKDRGMTMAVTDA
LAHGQRAVLCASTGNTSASAAAYAARAGITCAVLIPQGKIAMGKLAQAVMHGAKIIQIDGNFDDCLELARKMAADFPTIS
LVNSVNPVRIEGQKTAAFEIVDVLGTAPDVHALPVGNAGNITAYWKGYTEYHQLGLIDKLPRMLGTQAAGAAPLVLGEPV
SHPETIATAIRIGSPASWTSAVEAQQQSKGRFLAASDEEILAAYHLVARVEGVFVEPASAASIAGLLKAIDDGWVARGST
VVCTVTGNGLKDPDTALKDMPSVSPVPVDPVAVVEKLGLA
;
_entity_poly.pdbx_strand_id   A,B
#
loop_
_chem_comp.id
_chem_comp.type
_chem_comp.name
_chem_comp.formula
PLP non-polymer PYRIDOXAL-5'-PHOSPHATE 'C8 H10 N O6 P'
#
# COMPACT_ATOMS: atom_id res chain seq x y z
N GLN A 10 20.81 -4.50 5.50
CA GLN A 10 19.97 -4.88 6.68
C GLN A 10 18.45 -5.03 6.41
N PRO A 11 18.02 -5.37 5.16
CA PRO A 11 16.59 -5.27 4.79
C PRO A 11 15.73 -6.46 5.25
N TRP A 12 14.41 -6.25 5.29
CA TRP A 12 13.42 -7.28 5.66
C TRP A 12 13.30 -8.38 4.59
N PRO A 13 13.38 -9.65 5.00
CA PRO A 13 13.22 -10.71 4.01
C PRO A 13 11.81 -11.29 4.00
N GLY A 14 11.66 -12.47 3.43
CA GLY A 14 10.38 -13.18 3.56
C GLY A 14 10.00 -13.29 5.03
N VAL A 15 8.72 -13.12 5.34
CA VAL A 15 8.21 -13.48 6.67
C VAL A 15 8.58 -14.93 7.01
N ILE A 16 8.61 -15.78 5.97
CA ILE A 16 9.09 -17.14 6.08
C ILE A 16 10.55 -17.12 6.52
N ALA A 17 11.40 -16.41 5.78
CA ALA A 17 12.82 -16.35 6.12
C ALA A 17 13.06 -15.76 7.51
N ALA A 18 12.31 -14.72 7.87
CA ALA A 18 12.52 -13.99 9.12
C ALA A 18 12.09 -14.75 10.35
N TYR A 19 11.28 -15.78 10.15
CA TYR A 19 10.72 -16.54 11.24
C TYR A 19 10.69 -18.05 10.92
N ARG A 20 11.69 -18.54 10.19
CA ARG A 20 11.67 -19.93 9.72
C ARG A 20 11.60 -20.96 10.86
N ASP A 21 12.47 -20.81 11.84
CA ASP A 21 12.52 -21.71 13.00
C ASP A 21 11.22 -21.74 13.83
N ARG A 22 10.25 -20.92 13.43
CA ARG A 22 8.93 -20.86 14.10
C ARG A 22 7.79 -21.29 13.18
N LEU A 23 8.13 -21.70 11.96
CA LEU A 23 7.13 -22.04 10.95
C LEU A 23 7.32 -23.46 10.38
N PRO A 24 6.20 -24.12 10.00
CA PRO A 24 6.33 -25.51 9.52
C PRO A 24 6.76 -25.56 8.05
N VAL A 25 8.05 -25.35 7.80
CA VAL A 25 8.61 -25.46 6.45
C VAL A 25 9.93 -26.19 6.48
N GLY A 26 10.08 -27.18 5.60
CA GLY A 26 11.32 -27.95 5.48
C GLY A 26 12.51 -27.14 4.97
N ASP A 27 13.69 -27.74 5.05
CA ASP A 27 14.93 -27.10 4.61
C ASP A 27 14.99 -27.00 3.08
N ASP A 28 14.17 -27.81 2.41
CA ASP A 28 14.24 -28.00 0.97
C ASP A 28 13.47 -26.95 0.16
N TRP A 29 12.33 -26.52 0.69
CA TRP A 29 11.37 -25.68 -0.02
C TRP A 29 11.96 -24.35 -0.46
N THR A 30 11.46 -23.81 -1.56
CA THR A 30 11.86 -22.47 -2.01
C THR A 30 10.79 -21.45 -1.61
N PRO A 31 11.08 -20.63 -0.58
CA PRO A 31 10.13 -19.60 -0.15
C PRO A 31 9.83 -18.59 -1.26
N VAL A 32 8.55 -18.46 -1.60
CA VAL A 32 8.08 -17.52 -2.60
C VAL A 32 7.42 -16.36 -1.87
N THR A 33 8.06 -15.19 -1.96
CA THR A 33 7.73 -14.08 -1.10
C THR A 33 7.81 -12.76 -1.85
N LEU A 34 6.95 -11.82 -1.47
CA LEU A 34 7.02 -10.45 -1.96
C LEU A 34 7.51 -9.56 -0.84
N LEU A 35 8.24 -10.16 0.09
CA LEU A 35 8.77 -9.46 1.28
C LEU A 35 7.66 -8.85 2.16
N GLU A 36 6.59 -9.63 2.35
CA GLU A 36 5.47 -9.23 3.20
C GLU A 36 5.92 -9.16 4.64
N GLY A 37 5.06 -8.62 5.49
CA GLY A 37 5.42 -8.48 6.91
C GLY A 37 6.44 -7.38 7.12
N GLY A 38 6.91 -7.24 8.37
CA GLY A 38 7.84 -6.19 8.74
C GLY A 38 7.18 -4.82 8.64
N THR A 39 5.85 -4.81 8.74
CA THR A 39 5.03 -3.60 8.56
C THR A 39 5.14 -2.64 9.76
N PRO A 40 4.96 -1.32 9.52
CA PRO A 40 5.16 -0.29 10.55
C PRO A 40 4.35 -0.54 11.80
N LEU A 41 4.88 -0.15 12.97
CA LEU A 41 4.07 -0.09 14.19
C LEU A 41 4.06 1.36 14.66
N ILE A 42 3.02 2.09 14.26
CA ILE A 42 2.98 3.55 14.42
C ILE A 42 2.41 3.95 15.75
N ALA A 43 3.12 4.83 16.45
CA ALA A 43 2.61 5.43 17.67
C ALA A 43 1.41 6.32 17.35
N ALA A 44 0.25 5.99 17.90
CA ALA A 44 -0.93 6.83 17.70
C ALA A 44 -0.98 7.99 18.71
N THR A 45 0.00 8.90 18.63
CA THR A 45 0.16 9.95 19.64
C THR A 45 -1.12 10.76 19.87
N ASN A 46 -1.84 11.13 18.80
CA ASN A 46 -3.10 11.88 18.93
C ASN A 46 -4.28 11.03 19.46
N LEU A 47 -4.38 9.78 19.04
CA LEU A 47 -5.37 8.89 19.64
C LEU A 47 -5.02 8.59 21.10
N SER A 48 -3.72 8.55 21.42
CA SER A 48 -3.26 8.30 22.78
C SER A 48 -3.62 9.41 23.75
N LYS A 49 -3.30 10.65 23.38
CA LYS A 49 -3.67 11.84 24.16
C LYS A 49 -5.18 11.85 24.44
N GLN A 50 -5.95 11.46 23.43
CA GLN A 50 -7.40 11.54 23.46
C GLN A 50 -7.98 10.46 24.34
N THR A 51 -7.35 9.29 24.32
CA THR A 51 -7.79 8.19 25.15
C THR A 51 -7.20 8.31 26.55
N GLY A 52 -5.88 8.33 26.64
CA GLY A 52 -5.19 8.18 27.92
C GLY A 52 -4.46 6.84 28.00
N CYS A 53 -4.81 5.93 27.09
CA CYS A 53 -4.04 4.70 26.90
C CYS A 53 -2.94 4.97 25.88
N THR A 54 -1.92 4.12 25.81
CA THR A 54 -0.89 4.32 24.78
C THR A 54 -1.08 3.28 23.67
N ILE A 55 -1.43 3.80 22.50
CA ILE A 55 -1.87 3.03 21.37
C ILE A 55 -0.84 3.09 20.25
N HIS A 56 -0.46 1.91 19.77
CA HIS A 56 0.34 1.79 18.57
C HIS A 56 -0.58 1.24 17.49
N LEU A 57 -0.27 1.51 16.22
CA LEU A 57 -1.00 0.90 15.14
C LEU A 57 -0.11 -0.05 14.39
N LYS A 58 -0.50 -1.30 14.32
CA LYS A 58 0.14 -2.21 13.40
C LYS A 58 -0.50 -1.98 12.00
N VAL A 59 0.27 -1.41 11.08
CA VAL A 59 -0.31 -1.02 9.81
C VAL A 59 -0.03 -2.02 8.68
N GLU A 60 -0.99 -2.93 8.53
CA GLU A 60 -0.89 -4.07 7.60
C GLU A 60 -1.25 -3.72 6.17
N GLY A 61 -1.83 -2.53 5.97
CA GLY A 61 -2.13 -2.08 4.60
C GLY A 61 -0.87 -1.94 3.77
N LEU A 62 0.29 -1.93 4.44
CA LEU A 62 1.57 -1.75 3.75
C LEU A 62 2.24 -3.09 3.37
N ASN A 63 1.48 -4.18 3.47
CA ASN A 63 1.84 -5.44 2.83
C ASN A 63 1.66 -5.36 1.31
N PRO A 64 2.45 -6.15 0.55
CA PRO A 64 2.40 -6.11 -0.92
C PRO A 64 1.00 -5.91 -1.50
N THR A 65 0.04 -6.75 -1.16
CA THR A 65 -1.29 -6.60 -1.77
C THR A 65 -2.26 -5.69 -1.01
N GLY A 66 -1.80 -5.09 0.09
CA GLY A 66 -2.59 -4.08 0.78
C GLY A 66 -3.41 -4.59 1.94
N SER A 67 -3.16 -5.83 2.34
CA SER A 67 -3.82 -6.38 3.51
C SER A 67 -2.97 -7.47 4.16
N PHE A 68 -3.36 -7.89 5.35
CA PHE A 68 -2.59 -8.83 6.14
C PHE A 68 -2.64 -10.27 5.58
N LYS A 69 -3.55 -10.53 4.66
CA LYS A 69 -3.69 -11.88 4.05
C LYS A 69 -2.36 -12.35 3.41
N ASP A 70 -1.49 -11.41 3.09
CA ASP A 70 -0.19 -11.74 2.52
C ASP A 70 0.67 -12.64 3.43
N ARG A 71 0.52 -12.50 4.75
CA ARG A 71 1.23 -13.32 5.74
C ARG A 71 0.82 -14.78 5.64
N GLY A 72 -0.43 -15.02 5.26
CA GLY A 72 -0.92 -16.38 5.09
C GLY A 72 -0.50 -16.96 3.76
N MET A 73 -0.61 -16.17 2.69
CA MET A 73 -0.35 -16.65 1.34
C MET A 73 1.09 -17.10 1.05
N THR A 74 2.12 -16.33 1.46
CA THR A 74 3.53 -16.78 1.30
C THR A 74 3.55 -18.21 1.72
N MET A 75 2.97 -18.41 2.90
CA MET A 75 2.99 -19.67 3.58
C MET A 75 2.13 -20.68 2.83
N ALA A 76 0.90 -20.32 2.47
CA ALA A 76 0.03 -21.27 1.77
C ALA A 76 0.54 -21.64 0.38
N VAL A 77 1.06 -20.64 -0.34
CA VAL A 77 1.56 -20.84 -1.70
C VAL A 77 2.91 -21.57 -1.71
N THR A 78 3.77 -21.27 -0.75
CA THR A 78 5.07 -21.94 -0.67
C THR A 78 4.89 -23.41 -0.36
N ASP A 79 3.99 -23.70 0.58
CA ASP A 79 3.61 -25.06 0.91
C ASP A 79 2.93 -25.76 -0.29
N ALA A 80 2.13 -25.01 -1.05
CA ALA A 80 1.51 -25.53 -2.26
C ALA A 80 2.58 -25.93 -3.28
N LEU A 81 3.51 -25.01 -3.56
CA LEU A 81 4.61 -25.28 -4.51
C LEU A 81 5.39 -26.54 -4.11
N ALA A 82 5.82 -26.59 -2.84
CA ALA A 82 6.61 -27.68 -2.31
C ALA A 82 5.86 -29.01 -2.37
N HIS A 83 4.54 -28.94 -2.15
CA HIS A 83 3.68 -30.12 -2.19
C HIS A 83 3.18 -30.47 -3.61
N GLY A 84 3.64 -29.72 -4.61
CA GLY A 84 3.37 -30.04 -6.01
C GLY A 84 1.91 -29.88 -6.39
N GLN A 85 1.30 -28.79 -5.95
CA GLN A 85 -0.06 -28.45 -6.33
C GLN A 85 0.02 -27.62 -7.62
N ARG A 86 -0.97 -27.78 -8.49
CA ARG A 86 -1.01 -27.01 -9.74
C ARG A 86 -1.95 -25.82 -9.66
N ALA A 87 -2.81 -25.80 -8.64
CA ALA A 87 -3.80 -24.74 -8.53
C ALA A 87 -4.08 -24.33 -7.09
N VAL A 88 -4.31 -23.03 -6.91
CA VAL A 88 -4.67 -22.45 -5.64
C VAL A 88 -6.08 -21.84 -5.77
N LEU A 89 -7.00 -22.33 -4.95
CA LEU A 89 -8.41 -21.99 -5.09
C LEU A 89 -8.98 -21.34 -3.83
N CYS A 90 -9.85 -20.35 -4.02
CA CYS A 90 -10.62 -19.79 -2.92
C CYS A 90 -11.97 -19.34 -3.44
N ALA A 91 -12.90 -19.05 -2.52
CA ALA A 91 -14.26 -18.74 -2.90
C ALA A 91 -14.78 -17.48 -2.22
N SER A 92 -14.15 -16.34 -2.51
CA SER A 92 -14.65 -15.04 -2.06
C SER A 92 -14.10 -13.92 -2.92
N THR A 93 -14.85 -12.82 -2.97
CA THR A 93 -14.49 -11.62 -3.76
C THR A 93 -13.58 -10.63 -3.01
N GLY A 94 -12.96 -11.09 -1.92
CA GLY A 94 -12.29 -10.16 -1.00
C GLY A 94 -10.79 -10.03 -1.17
N ASN A 95 -10.15 -9.58 -0.10
CA ASN A 95 -8.70 -9.39 -0.07
C ASN A 95 -7.92 -10.72 -0.11
N THR A 96 -8.60 -11.81 0.24
CA THR A 96 -8.05 -13.17 0.10
C THR A 96 -7.63 -13.46 -1.33
N SER A 97 -8.50 -13.14 -2.28
CA SER A 97 -8.29 -13.47 -3.67
C SER A 97 -7.12 -12.68 -4.27
N ALA A 98 -7.04 -11.39 -3.96
CA ALA A 98 -5.95 -10.55 -4.44
C ALA A 98 -4.63 -11.06 -3.91
N SER A 99 -4.61 -11.39 -2.62
CA SER A 99 -3.42 -11.91 -1.99
C SER A 99 -3.04 -13.27 -2.58
N ALA A 100 -4.02 -14.16 -2.73
CA ALA A 100 -3.81 -15.49 -3.31
C ALA A 100 -3.26 -15.39 -4.72
N ALA A 101 -3.87 -14.51 -5.52
CA ALA A 101 -3.53 -14.38 -6.92
C ALA A 101 -2.13 -13.85 -7.13
N ALA A 102 -1.69 -12.93 -6.27
CA ALA A 102 -0.35 -12.37 -6.36
C ALA A 102 0.72 -13.45 -6.14
N TYR A 103 0.57 -14.21 -5.06
CA TYR A 103 1.54 -15.26 -4.71
C TYR A 103 1.54 -16.44 -5.70
N ALA A 104 0.37 -16.77 -6.26
CA ALA A 104 0.27 -17.81 -7.29
C ALA A 104 1.01 -17.35 -8.54
N ALA A 105 0.83 -16.08 -8.88
CA ALA A 105 1.50 -15.47 -10.02
C ALA A 105 3.00 -15.54 -9.86
N ARG A 106 3.50 -15.18 -8.67
CA ARG A 106 4.94 -15.19 -8.45
C ARG A 106 5.51 -16.62 -8.47
N ALA A 107 4.77 -17.55 -7.87
CA ALA A 107 5.16 -18.96 -7.88
C ALA A 107 5.13 -19.53 -9.30
N GLY A 108 4.21 -19.00 -10.12
CA GLY A 108 3.89 -19.57 -11.42
C GLY A 108 2.89 -20.69 -11.23
N ILE A 109 1.71 -20.36 -10.71
CA ILE A 109 0.68 -21.35 -10.40
C ILE A 109 -0.71 -20.81 -10.66
N THR A 110 -1.59 -21.66 -11.18
CA THR A 110 -2.94 -21.25 -11.48
C THR A 110 -3.67 -20.83 -10.21
N CYS A 111 -4.49 -19.80 -10.29
CA CYS A 111 -5.28 -19.34 -9.15
C CYS A 111 -6.74 -19.13 -9.54
N ALA A 112 -7.64 -19.89 -8.90
CA ALA A 112 -9.04 -19.81 -9.26
C ALA A 112 -9.89 -19.22 -8.15
N VAL A 113 -10.80 -18.32 -8.53
CA VAL A 113 -11.71 -17.72 -7.58
C VAL A 113 -13.14 -18.01 -7.98
N LEU A 114 -13.85 -18.72 -7.10
CA LEU A 114 -15.25 -19.06 -7.30
C LEU A 114 -16.19 -17.99 -6.74
N ILE A 115 -17.20 -17.62 -7.53
CA ILE A 115 -18.12 -16.53 -7.17
C ILE A 115 -19.58 -16.89 -7.50
N PRO A 116 -20.54 -16.34 -6.73
CA PRO A 116 -21.96 -16.70 -6.91
C PRO A 116 -22.61 -16.00 -8.10
N GLN A 117 -23.78 -16.49 -8.52
CA GLN A 117 -24.54 -15.95 -9.64
C GLN A 117 -25.08 -14.55 -9.31
N GLY A 118 -25.54 -13.86 -10.36
CA GLY A 118 -26.08 -12.51 -10.23
C GLY A 118 -25.03 -11.44 -10.48
N LYS A 119 -25.28 -10.24 -9.97
CA LYS A 119 -24.40 -9.09 -10.16
C LYS A 119 -23.02 -9.37 -9.60
N ILE A 120 -22.00 -9.04 -10.39
CA ILE A 120 -20.62 -9.16 -9.95
C ILE A 120 -20.07 -7.77 -9.69
N ALA A 121 -19.43 -7.58 -8.55
CA ALA A 121 -18.65 -6.38 -8.30
C ALA A 121 -17.25 -6.63 -8.86
N MET A 122 -17.00 -6.10 -10.04
CA MET A 122 -15.72 -6.27 -10.74
C MET A 122 -14.60 -5.46 -10.08
N GLY A 123 -14.99 -4.34 -9.46
CA GLY A 123 -14.07 -3.55 -8.64
C GLY A 123 -13.40 -4.41 -7.60
N LYS A 124 -14.16 -5.30 -6.97
CA LYS A 124 -13.63 -6.22 -5.98
C LYS A 124 -12.57 -7.16 -6.57
N LEU A 125 -12.85 -7.70 -7.75
CA LEU A 125 -12.00 -8.76 -8.31
C LEU A 125 -10.82 -8.26 -9.15
N ALA A 126 -10.87 -6.98 -9.52
CA ALA A 126 -9.87 -6.36 -10.38
C ALA A 126 -8.40 -6.66 -10.03
N GLN A 127 -7.99 -6.40 -8.79
CA GLN A 127 -6.61 -6.68 -8.38
C GLN A 127 -6.20 -8.15 -8.64
N ALA A 128 -7.04 -9.09 -8.22
CA ALA A 128 -6.79 -10.51 -8.44
C ALA A 128 -6.75 -10.89 -9.93
N VAL A 129 -7.64 -10.34 -10.75
CA VAL A 129 -7.61 -10.69 -12.17
C VAL A 129 -6.37 -10.07 -12.85
N MET A 130 -5.90 -8.95 -12.31
CA MET A 130 -4.64 -8.35 -12.72
C MET A 130 -3.47 -9.32 -12.57
N HIS A 131 -3.53 -10.14 -11.52
CA HIS A 131 -2.45 -11.08 -11.19
C HIS A 131 -2.57 -12.42 -11.91
N GLY A 132 -3.65 -12.62 -12.66
CA GLY A 132 -3.87 -13.87 -13.40
C GLY A 132 -4.89 -14.83 -12.81
N ALA A 133 -5.63 -14.39 -11.79
CA ALA A 133 -6.70 -15.21 -11.22
C ALA A 133 -7.72 -15.58 -12.30
N LYS A 134 -8.14 -16.83 -12.33
CA LYS A 134 -9.25 -17.24 -13.19
C LYS A 134 -10.53 -17.12 -12.38
N ILE A 135 -11.41 -16.23 -12.81
CA ILE A 135 -12.70 -16.06 -12.15
C ILE A 135 -13.67 -17.08 -12.72
N ILE A 136 -14.38 -17.78 -11.83
CA ILE A 136 -15.33 -18.80 -12.27
C ILE A 136 -16.66 -18.56 -11.57
N GLN A 137 -17.66 -18.13 -12.34
CA GLN A 137 -18.98 -17.85 -11.81
C GLN A 137 -19.88 -19.09 -11.87
N ILE A 138 -20.66 -19.28 -10.81
CA ILE A 138 -21.41 -20.52 -10.55
C ILE A 138 -22.92 -20.33 -10.67
N ASP A 139 -23.59 -21.31 -11.28
CA ASP A 139 -25.05 -21.40 -11.27
C ASP A 139 -25.56 -21.71 -9.86
N GLY A 140 -25.49 -20.71 -8.98
CA GLY A 140 -25.88 -20.87 -7.58
C GLY A 140 -25.45 -19.71 -6.68
N ASN A 141 -25.55 -19.94 -5.37
CA ASN A 141 -25.29 -18.89 -4.37
C ASN A 141 -23.98 -19.06 -3.61
N PHE A 142 -23.73 -18.15 -2.66
CA PHE A 142 -22.45 -18.11 -1.95
C PHE A 142 -22.13 -19.37 -1.16
N ASP A 143 -23.17 -20.05 -0.67
CA ASP A 143 -22.99 -21.36 -0.02
C ASP A 143 -22.44 -22.38 -1.02
N ASP A 144 -23.07 -22.48 -2.19
CA ASP A 144 -22.65 -23.40 -3.23
C ASP A 144 -21.17 -23.23 -3.57
N CYS A 145 -20.70 -21.98 -3.53
CA CYS A 145 -19.30 -21.66 -3.75
C CYS A 145 -18.39 -22.34 -2.71
N LEU A 146 -18.75 -22.23 -1.44
CA LEU A 146 -18.01 -22.88 -0.36
C LEU A 146 -18.07 -24.38 -0.45
N GLU A 147 -19.28 -24.91 -0.64
CA GLU A 147 -19.49 -26.35 -0.81
C GLU A 147 -18.68 -26.87 -2.01
N LEU A 148 -18.70 -26.14 -3.14
CA LEU A 148 -17.95 -26.56 -4.32
C LEU A 148 -16.45 -26.57 -4.07
N ALA A 149 -15.92 -25.45 -3.57
CA ALA A 149 -14.48 -25.31 -3.37
C ALA A 149 -13.91 -26.39 -2.46
N ARG A 150 -14.70 -26.77 -1.46
CA ARG A 150 -14.34 -27.80 -0.49
C ARG A 150 -14.33 -29.19 -1.12
N LYS A 151 -15.34 -29.47 -1.96
CA LYS A 151 -15.46 -30.76 -2.64
C LYS A 151 -14.28 -30.99 -3.59
N MET A 152 -13.93 -29.95 -4.34
CA MET A 152 -12.81 -29.99 -5.26
C MET A 152 -11.48 -30.26 -4.56
N ALA A 153 -11.23 -29.55 -3.46
CA ALA A 153 -10.01 -29.72 -2.68
C ALA A 153 -9.87 -31.15 -2.16
N ALA A 154 -10.99 -31.77 -1.81
CA ALA A 154 -11.03 -33.14 -1.29
C ALA A 154 -11.04 -34.20 -2.40
N ASP A 155 -11.30 -33.77 -3.63
CA ASP A 155 -11.27 -34.68 -4.77
C ASP A 155 -9.96 -34.58 -5.55
N PHE A 156 -9.33 -33.42 -5.51
CA PHE A 156 -8.08 -33.17 -6.25
C PHE A 156 -6.97 -32.68 -5.32
N PRO A 157 -6.11 -33.61 -4.87
CA PRO A 157 -4.99 -33.33 -3.97
C PRO A 157 -3.94 -32.39 -4.58
N THR A 158 -4.21 -31.90 -5.78
CA THR A 158 -3.36 -30.92 -6.45
C THR A 158 -3.97 -29.51 -6.35
N ILE A 159 -5.25 -29.44 -5.97
CA ILE A 159 -5.87 -28.16 -5.62
C ILE A 159 -5.60 -27.90 -4.15
N SER A 160 -5.37 -26.63 -3.80
CA SER A 160 -5.18 -26.27 -2.42
C SER A 160 -6.12 -25.16 -2.03
N LEU A 161 -7.18 -25.49 -1.31
CA LEU A 161 -8.12 -24.49 -0.82
C LEU A 161 -7.44 -23.57 0.20
N VAL A 162 -7.33 -22.30 -0.15
CA VAL A 162 -6.65 -21.32 0.70
C VAL A 162 -7.62 -20.44 1.50
N ASN A 163 -8.66 -21.05 2.07
CA ASN A 163 -9.64 -20.33 2.90
C ASN A 163 -9.15 -20.09 4.34
N SER A 164 -9.91 -19.34 5.13
CA SER A 164 -9.51 -18.94 6.50
C SER A 164 -8.92 -20.08 7.33
N VAL A 165 -9.50 -21.27 7.19
CA VAL A 165 -9.19 -22.38 8.08
C VAL A 165 -8.00 -23.24 7.63
N ASN A 166 -7.27 -22.73 6.65
CA ASN A 166 -6.02 -23.31 6.17
C ASN A 166 -4.97 -23.22 7.29
N PRO A 167 -4.55 -24.38 7.85
CA PRO A 167 -3.61 -24.37 8.97
C PRO A 167 -2.32 -23.59 8.63
N VAL A 168 -1.88 -23.68 7.38
CA VAL A 168 -0.66 -23.00 6.93
C VAL A 168 -0.85 -21.47 6.91
N ARG A 169 -2.02 -21.00 6.46
CA ARG A 169 -2.35 -19.57 6.47
C ARG A 169 -2.25 -18.97 7.87
N ILE A 170 -2.78 -19.68 8.85
CA ILE A 170 -2.80 -19.21 10.24
C ILE A 170 -1.40 -19.17 10.81
N GLU A 171 -0.58 -20.13 10.42
CA GLU A 171 0.84 -20.13 10.80
C GLU A 171 1.51 -18.86 10.29
N GLY A 172 1.32 -18.55 9.00
CA GLY A 172 1.88 -17.35 8.43
C GLY A 172 1.39 -16.11 9.16
N GLN A 173 0.08 -16.06 9.41
CA GLN A 173 -0.54 -14.85 9.96
C GLN A 173 -0.17 -14.59 11.41
N LYS A 174 0.33 -15.61 12.10
CA LYS A 174 0.66 -15.47 13.52
C LYS A 174 1.87 -14.56 13.73
N THR A 175 2.60 -14.29 12.66
CA THR A 175 3.88 -13.60 12.73
C THR A 175 3.73 -12.11 13.07
N ALA A 176 2.55 -11.56 12.75
CA ALA A 176 2.26 -10.17 13.08
C ALA A 176 2.39 -9.97 14.58
N ALA A 177 1.99 -10.98 15.34
CA ALA A 177 2.15 -10.97 16.78
C ALA A 177 3.64 -10.96 17.15
N PHE A 178 4.45 -11.70 16.38
CA PHE A 178 5.88 -11.78 16.65
C PHE A 178 6.55 -10.44 16.44
N GLU A 179 6.14 -9.71 15.41
CA GLU A 179 6.78 -8.44 15.10
C GLU A 179 6.49 -7.41 16.18
N ILE A 180 5.22 -7.33 16.58
CA ILE A 180 4.80 -6.42 17.64
C ILE A 180 5.69 -6.56 18.90
N VAL A 181 5.87 -7.79 19.36
CA VAL A 181 6.74 -8.05 20.51
C VAL A 181 8.22 -7.77 20.16
N ASP A 182 8.67 -8.31 19.03
CA ASP A 182 10.04 -8.04 18.54
C ASP A 182 10.41 -6.56 18.67
N VAL A 183 9.50 -5.64 18.33
CA VAL A 183 9.86 -4.22 18.47
C VAL A 183 9.55 -3.58 19.81
N LEU A 184 8.54 -4.10 20.53
CA LEU A 184 8.15 -3.51 21.80
C LEU A 184 8.94 -4.07 22.95
N GLY A 185 9.34 -5.34 22.83
CA GLY A 185 10.02 -6.04 23.91
C GLY A 185 9.05 -6.75 24.85
N THR A 186 7.75 -6.54 24.61
CA THR A 186 6.65 -7.24 25.31
C THR A 186 5.40 -7.17 24.48
N ALA A 187 4.40 -7.97 24.86
CA ALA A 187 3.05 -7.88 24.33
C ALA A 187 2.40 -6.58 24.82
N PRO A 188 1.39 -6.10 24.08
CA PRO A 188 0.50 -5.08 24.65
C PRO A 188 -0.35 -5.64 25.80
N ASP A 189 -0.95 -4.75 26.58
CA ASP A 189 -1.96 -5.16 27.57
C ASP A 189 -3.18 -5.73 26.86
N VAL A 190 -3.63 -5.04 25.80
CA VAL A 190 -4.70 -5.54 24.94
C VAL A 190 -4.32 -5.40 23.50
N HIS A 191 -4.59 -6.45 22.74
CA HIS A 191 -4.52 -6.36 21.30
C HIS A 191 -5.91 -6.27 20.68
N ALA A 192 -6.15 -5.20 19.92
CA ALA A 192 -7.45 -5.02 19.27
C ALA A 192 -7.41 -5.28 17.75
N LEU A 193 -8.32 -6.09 17.27
CA LEU A 193 -8.37 -6.38 15.84
C LEU A 193 -9.81 -6.58 15.37
N PRO A 194 -10.09 -6.46 14.04
CA PRO A 194 -11.44 -6.63 13.55
C PRO A 194 -11.65 -8.10 13.28
N VAL A 195 -12.90 -8.58 13.30
CA VAL A 195 -13.10 -10.01 13.16
C VAL A 195 -14.18 -10.29 12.11
N GLY A 196 -13.81 -10.97 11.02
CA GLY A 196 -14.81 -11.46 10.07
C GLY A 196 -14.99 -12.98 10.13
N ASN A 197 -14.02 -13.70 9.57
CA ASN A 197 -14.01 -15.15 9.67
C ASN A 197 -13.28 -15.67 10.93
N ALA A 198 -12.59 -14.75 11.64
CA ALA A 198 -11.91 -15.03 12.89
C ALA A 198 -10.59 -15.77 12.71
N GLY A 199 -10.10 -15.85 11.48
CA GLY A 199 -8.82 -16.48 11.22
C GLY A 199 -7.67 -15.70 11.82
N ASN A 200 -7.83 -14.38 11.87
CA ASN A 200 -6.78 -13.46 12.32
C ASN A 200 -6.69 -13.43 13.85
N ILE A 201 -7.81 -13.22 14.53
CA ILE A 201 -7.80 -13.24 15.98
C ILE A 201 -7.19 -14.56 16.43
N THR A 202 -7.52 -15.65 15.74
CA THR A 202 -6.92 -16.96 16.00
C THR A 202 -5.41 -16.90 15.86
N ALA A 203 -4.94 -16.39 14.72
CA ALA A 203 -3.50 -16.34 14.45
C ALA A 203 -2.73 -15.51 15.47
N TYR A 204 -3.23 -14.33 15.80
CA TYR A 204 -2.56 -13.49 16.80
C TYR A 204 -2.41 -14.25 18.12
N TRP A 205 -3.49 -14.94 18.49
CA TRP A 205 -3.51 -15.63 19.75
C TRP A 205 -2.58 -16.83 19.76
N LYS A 206 -2.44 -17.47 18.60
CA LYS A 206 -1.52 -18.56 18.43
C LYS A 206 -0.12 -17.98 18.57
N GLY A 207 0.07 -16.81 17.97
CA GLY A 207 1.37 -16.13 17.95
C GLY A 207 1.84 -15.66 19.31
N TYR A 208 0.98 -14.92 20.01
CA TYR A 208 1.30 -14.47 21.36
C TYR A 208 1.60 -15.64 22.32
N THR A 209 0.78 -16.70 22.27
CA THR A 209 0.99 -17.88 23.12
C THR A 209 2.27 -18.64 22.79
N GLU A 210 2.69 -18.59 21.53
CA GLU A 210 3.96 -19.20 21.12
C GLU A 210 5.18 -18.50 21.72
N TYR A 211 5.07 -17.19 21.91
CA TYR A 211 6.13 -16.36 22.51
C TYR A 211 6.15 -16.51 24.03
N HIS A 212 4.97 -16.54 24.65
CA HIS A 212 4.83 -16.85 26.06
C HIS A 212 5.40 -18.23 26.38
N GLN A 213 5.15 -19.19 25.48
CA GLN A 213 5.67 -20.55 25.64
C GLN A 213 7.19 -20.60 25.39
N LEU A 214 7.69 -19.68 24.56
CA LEU A 214 9.13 -19.53 24.35
C LEU A 214 9.85 -18.73 25.45
N GLY A 215 9.07 -18.20 26.40
CA GLY A 215 9.60 -17.39 27.49
C GLY A 215 10.03 -16.00 27.06
N LEU A 216 9.33 -15.43 26.08
CA LEU A 216 9.65 -14.11 25.53
C LEU A 216 8.72 -13.00 26.01
N ILE A 217 7.62 -13.40 26.63
CA ILE A 217 6.79 -12.46 27.39
C ILE A 217 6.29 -13.17 28.66
N ASP A 218 5.70 -12.41 29.55
CA ASP A 218 5.22 -12.93 30.82
C ASP A 218 3.72 -12.73 30.91
N LYS A 219 3.29 -11.57 30.46
CA LYS A 219 1.90 -11.18 30.39
C LYS A 219 1.41 -11.48 28.98
N LEU A 220 0.21 -12.03 28.86
CA LEU A 220 -0.41 -12.22 27.55
C LEU A 220 -1.42 -11.09 27.32
N PRO A 221 -1.64 -10.69 26.05
CA PRO A 221 -2.61 -9.62 25.86
C PRO A 221 -4.05 -10.08 25.95
N ARG A 222 -4.94 -9.13 26.15
CA ARG A 222 -6.39 -9.37 26.08
C ARG A 222 -6.81 -9.09 24.64
N MET A 223 -7.40 -10.08 23.99
CA MET A 223 -7.74 -9.93 22.59
C MET A 223 -9.11 -9.31 22.44
N LEU A 224 -9.14 -8.10 21.90
CA LEU A 224 -10.40 -7.42 21.67
C LEU A 224 -10.76 -7.52 20.21
N GLY A 225 -11.87 -8.17 19.89
CA GLY A 225 -12.27 -8.32 18.51
C GLY A 225 -13.54 -7.54 18.21
N THR A 226 -13.48 -6.67 17.21
CA THR A 226 -14.65 -5.88 16.85
C THR A 226 -15.36 -6.40 15.61
N GLN A 227 -16.67 -6.48 15.73
CA GLN A 227 -17.53 -6.77 14.61
C GLN A 227 -18.43 -5.59 14.39
N ALA A 228 -18.85 -5.39 13.14
CA ALA A 228 -19.90 -4.45 12.83
C ALA A 228 -21.23 -4.91 13.45
N ALA A 229 -22.03 -3.97 13.94
CA ALA A 229 -23.31 -4.28 14.55
C ALA A 229 -24.25 -5.09 13.63
N GLY A 230 -24.13 -4.90 12.32
CA GLY A 230 -25.02 -5.58 11.38
C GLY A 230 -24.49 -6.91 10.90
N ALA A 231 -23.28 -7.25 11.36
CA ALA A 231 -22.70 -8.56 11.13
C ALA A 231 -21.88 -8.92 12.36
N ALA A 232 -22.55 -9.18 13.48
CA ALA A 232 -21.89 -9.39 14.78
C ALA A 232 -22.25 -10.73 15.45
N PRO A 233 -22.08 -11.86 14.72
CA PRO A 233 -22.54 -13.13 15.24
C PRO A 233 -21.75 -13.61 16.45
N LEU A 234 -20.53 -13.10 16.62
CA LEU A 234 -19.75 -13.46 17.79
C LEU A 234 -20.15 -12.65 19.03
N VAL A 235 -20.74 -11.48 18.79
CA VAL A 235 -21.31 -10.68 19.86
C VAL A 235 -22.61 -11.31 20.35
N LEU A 236 -23.55 -11.54 19.43
CA LEU A 236 -24.92 -11.95 19.78
C LEU A 236 -25.05 -13.44 20.10
N GLY A 237 -23.99 -14.20 19.83
CA GLY A 237 -23.90 -15.62 20.18
C GLY A 237 -24.57 -16.58 19.21
N GLU A 238 -25.04 -16.04 18.08
CA GLU A 238 -25.73 -16.80 17.05
C GLU A 238 -25.31 -16.36 15.63
N PRO A 239 -25.37 -17.29 14.65
CA PRO A 239 -25.13 -16.94 13.25
C PRO A 239 -26.10 -15.84 12.78
N VAL A 240 -25.64 -15.04 11.82
CA VAL A 240 -26.43 -13.94 11.26
C VAL A 240 -26.82 -14.28 9.82
N SER A 241 -28.11 -14.25 9.55
CA SER A 241 -28.68 -14.63 8.26
C SER A 241 -28.28 -13.71 7.11
N HIS A 242 -28.35 -12.40 7.35
CA HIS A 242 -28.04 -11.44 6.32
C HIS A 242 -27.14 -10.36 6.83
N PRO A 243 -25.82 -10.64 6.81
CA PRO A 243 -24.83 -9.72 7.34
C PRO A 243 -24.90 -8.43 6.55
N GLU A 244 -24.68 -7.31 7.25
CA GLU A 244 -25.05 -6.01 6.75
C GLU A 244 -24.08 -4.98 7.30
N THR A 245 -23.09 -4.62 6.50
CA THR A 245 -22.13 -3.58 6.89
C THR A 245 -21.37 -3.03 5.68
N ILE A 246 -21.04 -1.75 5.74
CA ILE A 246 -20.22 -1.15 4.72
C ILE A 246 -18.78 -1.65 4.80
N ALA A 247 -18.36 -2.07 6.00
CA ALA A 247 -17.04 -2.70 6.18
C ALA A 247 -17.11 -4.08 5.55
N THR A 248 -16.85 -4.16 4.25
CA THR A 248 -17.12 -5.37 3.48
C THR A 248 -16.37 -6.59 3.99
N ALA A 249 -15.15 -6.37 4.46
CA ALA A 249 -14.22 -7.45 4.80
C ALA A 249 -14.67 -8.21 6.04
N ILE A 250 -15.53 -7.59 6.83
CA ILE A 250 -16.09 -8.26 8.00
C ILE A 250 -17.61 -8.46 7.86
N ARG A 251 -18.10 -8.39 6.63
CA ARG A 251 -19.51 -8.68 6.33
C ARG A 251 -19.69 -10.20 6.35
N ILE A 252 -19.55 -10.81 7.54
CA ILE A 252 -19.64 -12.26 7.72
C ILE A 252 -20.66 -12.64 8.82
N GLY A 253 -21.68 -13.39 8.40
CA GLY A 253 -22.72 -13.86 9.30
C GLY A 253 -22.44 -15.20 9.96
N SER A 254 -21.34 -15.83 9.55
CA SER A 254 -21.03 -17.21 9.94
C SER A 254 -19.52 -17.45 9.85
N PRO A 255 -18.77 -17.11 10.91
CA PRO A 255 -17.33 -17.23 10.83
C PRO A 255 -16.84 -18.66 10.64
N ALA A 256 -15.92 -18.83 9.70
CA ALA A 256 -15.26 -20.10 9.46
C ALA A 256 -14.57 -20.68 10.69
N SER A 257 -13.84 -19.83 11.41
CA SER A 257 -13.05 -20.21 12.59
C SER A 257 -13.78 -19.78 13.85
N TRP A 258 -14.99 -20.28 13.98
CA TRP A 258 -15.87 -19.95 15.06
C TRP A 258 -15.27 -20.40 16.40
N THR A 259 -15.06 -21.72 16.52
CA THR A 259 -14.44 -22.38 17.67
C THR A 259 -13.16 -21.71 18.19
N SER A 260 -12.23 -21.44 17.27
CA SER A 260 -10.93 -20.86 17.58
C SER A 260 -11.02 -19.43 18.12
N ALA A 261 -12.00 -18.68 17.61
CA ALA A 261 -12.18 -17.29 18.02
C ALA A 261 -12.62 -17.24 19.48
N VAL A 262 -13.65 -18.04 19.79
CA VAL A 262 -14.18 -18.13 21.13
C VAL A 262 -13.12 -18.62 22.10
N GLU A 263 -12.32 -19.60 21.68
CA GLU A 263 -11.24 -20.11 22.53
C GLU A 263 -10.26 -19.00 22.85
N ALA A 264 -9.88 -18.25 21.83
CA ALA A 264 -9.00 -17.09 22.01
C ALA A 264 -9.60 -16.10 22.98
N GLN A 265 -10.87 -15.75 22.77
CA GLN A 265 -11.56 -14.84 23.68
C GLN A 265 -11.57 -15.36 25.11
N GLN A 266 -11.92 -16.64 25.26
CA GLN A 266 -12.02 -17.24 26.58
C GLN A 266 -10.66 -17.36 27.24
N GLN A 267 -9.65 -17.76 26.48
CA GLN A 267 -8.30 -17.99 27.05
C GLN A 267 -7.57 -16.66 27.37
N SER A 268 -7.71 -15.66 26.49
CA SER A 268 -7.03 -14.37 26.66
C SER A 268 -7.76 -13.41 27.60
N LYS A 269 -8.90 -13.85 28.14
CA LYS A 269 -9.79 -12.98 28.90
C LYS A 269 -10.18 -11.80 28.03
N GLY A 270 -10.27 -12.04 26.73
CA GLY A 270 -10.64 -11.00 25.78
C GLY A 270 -12.12 -10.73 25.70
N ARG A 271 -12.52 -9.89 24.74
CA ARG A 271 -13.91 -9.50 24.58
C ARG A 271 -14.29 -9.47 23.10
N PHE A 272 -15.55 -9.77 22.80
CA PHE A 272 -16.12 -9.47 21.48
C PHE A 272 -17.09 -8.30 21.62
N LEU A 273 -17.05 -7.41 20.63
CA LEU A 273 -17.73 -6.14 20.75
C LEU A 273 -18.22 -5.69 19.37
N ALA A 274 -19.40 -5.10 19.34
CA ALA A 274 -19.97 -4.58 18.10
C ALA A 274 -19.82 -3.07 18.03
N ALA A 275 -19.43 -2.60 16.83
CA ALA A 275 -19.45 -1.18 16.51
C ALA A 275 -20.47 -0.96 15.41
N SER A 276 -21.21 0.14 15.47
CA SER A 276 -22.17 0.49 14.42
C SER A 276 -21.39 1.04 13.21
N ASP A 277 -22.06 1.10 12.06
CA ASP A 277 -21.44 1.67 10.87
C ASP A 277 -20.99 3.11 11.09
N GLU A 278 -21.85 3.92 11.72
CA GLU A 278 -21.51 5.32 12.07
C GLU A 278 -20.20 5.38 12.85
N GLU A 279 -20.09 4.49 13.83
CA GLU A 279 -18.92 4.47 14.70
C GLU A 279 -17.69 4.00 13.96
N ILE A 280 -17.85 3.00 13.10
CA ILE A 280 -16.80 2.57 12.18
C ILE A 280 -16.37 3.72 11.27
N LEU A 281 -17.34 4.37 10.66
CA LEU A 281 -17.08 5.53 9.82
C LEU A 281 -16.41 6.68 10.57
N ALA A 282 -16.79 6.92 11.83
CA ALA A 282 -16.13 7.95 12.61
C ALA A 282 -14.63 7.63 12.80
N ALA A 283 -14.34 6.37 13.13
CA ALA A 283 -12.96 5.92 13.29
C ALA A 283 -12.20 6.06 11.96
N TYR A 284 -12.84 5.58 10.89
CA TYR A 284 -12.35 5.67 9.51
C TYR A 284 -11.75 7.01 9.21
N HIS A 285 -12.51 8.07 9.53
CA HIS A 285 -12.06 9.46 9.37
C HIS A 285 -11.04 9.88 10.43
N LEU A 286 -11.21 9.38 11.65
CA LEU A 286 -10.34 9.77 12.76
C LEU A 286 -8.88 9.46 12.48
N VAL A 287 -8.57 8.18 12.22
CA VAL A 287 -7.19 7.74 11.96
C VAL A 287 -6.54 8.57 10.84
N ALA A 288 -7.24 8.71 9.73
CA ALA A 288 -6.76 9.47 8.61
C ALA A 288 -6.53 10.93 8.95
N ARG A 289 -7.48 11.55 9.67
CA ARG A 289 -7.41 12.98 9.98
C ARG A 289 -6.41 13.34 11.07
N VAL A 290 -6.07 12.37 11.90
CA VAL A 290 -5.39 12.68 13.14
C VAL A 290 -4.09 11.90 13.34
N GLU A 291 -3.96 10.77 12.65
CA GLU A 291 -2.74 9.96 12.67
C GLU A 291 -1.97 9.96 11.36
N GLY A 292 -2.59 10.48 10.32
CA GLY A 292 -2.01 10.48 8.98
C GLY A 292 -2.07 9.10 8.34
N VAL A 293 -2.81 8.17 8.92
CA VAL A 293 -2.87 6.83 8.31
C VAL A 293 -4.22 6.44 7.67
N PHE A 294 -4.16 6.06 6.38
CA PHE A 294 -5.34 5.78 5.59
C PHE A 294 -5.65 4.30 5.63
N VAL A 295 -6.79 4.02 6.24
CA VAL A 295 -7.19 2.70 6.68
C VAL A 295 -8.52 2.36 6.04
N GLU A 296 -8.66 1.10 5.67
CA GLU A 296 -9.88 0.50 5.12
C GLU A 296 -10.98 0.52 6.20
N PRO A 297 -12.28 0.54 5.82
CA PRO A 297 -13.35 0.55 6.84
C PRO A 297 -13.30 -0.58 7.88
N ALA A 298 -13.06 -1.82 7.45
CA ALA A 298 -12.88 -2.94 8.37
C ALA A 298 -11.76 -2.69 9.37
N SER A 299 -10.68 -2.05 8.93
CA SER A 299 -9.57 -1.72 9.81
C SER A 299 -10.00 -0.65 10.81
N ALA A 300 -10.83 0.29 10.34
CA ALA A 300 -11.44 1.33 11.18
C ALA A 300 -12.30 0.73 12.29
N ALA A 301 -13.08 -0.30 11.96
CA ALA A 301 -13.94 -0.99 12.93
C ALA A 301 -13.19 -1.40 14.19
N SER A 302 -11.96 -1.88 14.01
CA SER A 302 -11.11 -2.27 15.15
C SER A 302 -10.80 -1.10 16.08
N ILE A 303 -10.43 0.05 15.51
CA ILE A 303 -10.24 1.29 16.26
C ILE A 303 -11.55 1.70 16.92
N ALA A 304 -12.64 1.59 16.15
CA ALA A 304 -13.98 1.94 16.63
C ALA A 304 -14.32 1.15 17.87
N GLY A 305 -13.88 -0.12 17.89
CA GLY A 305 -14.11 -1.00 19.02
C GLY A 305 -13.20 -0.72 20.19
N LEU A 306 -11.92 -0.45 19.90
CA LEU A 306 -11.00 -0.11 20.97
C LEU A 306 -11.54 1.11 21.71
N LEU A 307 -11.87 2.15 20.95
CA LEU A 307 -12.43 3.38 21.52
C LEU A 307 -13.68 3.13 22.37
N LYS A 308 -14.56 2.26 21.87
CA LYS A 308 -15.79 1.95 22.55
C LYS A 308 -15.45 1.30 23.89
N ALA A 309 -14.42 0.45 23.89
CA ALA A 309 -13.99 -0.27 25.08
C ALA A 309 -13.32 0.64 26.12
N ILE A 310 -12.65 1.70 25.66
CA ILE A 310 -12.06 2.66 26.60
C ILE A 310 -13.11 3.48 27.38
N ASP A 311 -14.20 3.90 26.73
CA ASP A 311 -15.35 4.51 27.41
C ASP A 311 -15.88 3.61 28.51
N ASP A 312 -16.26 2.39 28.12
CA ASP A 312 -16.81 1.36 29.03
C ASP A 312 -15.94 1.17 30.25
N GLY A 313 -14.63 1.27 30.04
CA GLY A 313 -13.66 1.04 31.08
C GLY A 313 -13.23 -0.40 31.09
N TRP A 314 -13.57 -1.13 30.04
CA TRP A 314 -13.07 -2.49 29.85
C TRP A 314 -11.55 -2.47 29.65
N VAL A 315 -11.06 -1.46 28.95
CA VAL A 315 -9.62 -1.21 28.87
C VAL A 315 -9.26 -0.05 29.81
N ALA A 316 -8.27 -0.28 30.68
CA ALA A 316 -7.93 0.68 31.73
C ALA A 316 -7.02 1.79 31.23
N ARG A 317 -7.21 2.99 31.79
CA ARG A 317 -6.35 4.14 31.53
C ARG A 317 -4.89 3.80 31.77
N GLY A 318 -4.06 4.16 30.80
CA GLY A 318 -2.61 4.03 30.92
C GLY A 318 -2.03 2.69 30.47
N SER A 319 -2.90 1.78 30.04
CA SER A 319 -2.47 0.45 29.58
C SER A 319 -2.04 0.50 28.10
N THR A 320 -1.19 -0.43 27.70
CA THR A 320 -0.61 -0.45 26.36
C THR A 320 -1.45 -1.30 25.39
N VAL A 321 -1.72 -0.76 24.21
CA VAL A 321 -2.65 -1.34 23.27
C VAL A 321 -2.08 -1.26 21.86
N VAL A 322 -2.05 -2.40 21.16
CA VAL A 322 -1.73 -2.39 19.73
C VAL A 322 -3.02 -2.68 19.01
N CYS A 323 -3.33 -1.85 18.02
CA CYS A 323 -4.55 -2.02 17.25
C CYS A 323 -4.14 -2.36 15.82
N THR A 324 -4.45 -3.59 15.41
CA THR A 324 -4.12 -4.03 14.06
C THR A 324 -5.07 -3.39 13.05
N VAL A 325 -4.46 -2.69 12.11
CA VAL A 325 -5.21 -1.99 11.13
C VAL A 325 -4.88 -2.75 9.83
N THR A 326 -5.86 -3.54 9.37
CA THR A 326 -5.67 -4.74 8.55
C THR A 326 -5.52 -4.53 7.03
N GLY A 327 -5.89 -3.35 6.54
CA GLY A 327 -5.89 -3.10 5.11
C GLY A 327 -5.75 -1.66 4.71
N ASN A 328 -5.18 -1.43 3.52
CA ASN A 328 -4.99 -0.08 2.99
C ASN A 328 -6.33 0.56 2.69
N GLY A 329 -6.50 1.81 3.14
CA GLY A 329 -7.66 2.61 2.75
C GLY A 329 -7.80 2.61 1.24
N LEU A 330 -6.69 2.41 0.53
CA LEU A 330 -6.72 2.37 -0.93
C LEU A 330 -7.46 1.16 -1.50
N LYS A 331 -7.79 0.20 -0.66
CA LYS A 331 -8.58 -0.94 -1.09
C LYS A 331 -10.00 -0.53 -1.44
N ASP A 332 -10.48 0.59 -0.89
CA ASP A 332 -11.90 0.92 -0.94
C ASP A 332 -12.19 2.39 -1.29
N PRO A 333 -12.11 2.73 -2.58
CA PRO A 333 -12.26 4.11 -3.02
C PRO A 333 -13.70 4.58 -2.86
N ASP A 334 -14.66 3.67 -3.00
CA ASP A 334 -16.08 4.02 -2.87
C ASP A 334 -16.42 4.76 -1.59
N THR A 335 -16.00 4.20 -0.46
CA THR A 335 -16.30 4.77 0.84
C THR A 335 -15.56 6.09 1.04
N ALA A 336 -14.37 6.21 0.45
CA ALA A 336 -13.60 7.46 0.54
C ALA A 336 -14.35 8.60 -0.14
N LEU A 337 -14.91 8.29 -1.31
CA LEU A 337 -15.71 9.20 -2.11
C LEU A 337 -16.94 9.76 -1.42
N LYS A 338 -17.57 8.95 -0.57
CA LYS A 338 -18.83 9.32 0.06
C LYS A 338 -18.66 10.07 1.38
N ASP A 339 -19.67 10.86 1.72
CA ASP A 339 -19.61 11.84 2.82
C ASP A 339 -18.41 12.77 2.63
N MET A 340 -18.43 13.53 1.53
CA MET A 340 -17.39 14.55 1.25
C MET A 340 -17.97 15.96 1.38
N PRO A 341 -17.18 16.92 1.91
CA PRO A 341 -17.63 18.33 2.01
C PRO A 341 -17.77 19.02 0.64
N SER A 342 -18.94 19.63 0.40
CA SER A 342 -19.24 20.33 -0.86
C SER A 342 -18.40 21.59 -1.06
N VAL A 343 -17.51 21.54 -2.05
CA VAL A 343 -16.74 22.74 -2.38
C VAL A 343 -17.44 23.50 -3.52
N SER A 344 -17.61 24.81 -3.31
CA SER A 344 -18.15 25.69 -4.34
C SER A 344 -17.16 26.82 -4.60
N PRO A 345 -17.12 27.35 -5.85
CA PRO A 345 -16.10 28.32 -6.26
C PRO A 345 -16.00 29.54 -5.35
N VAL A 346 -14.77 29.85 -4.93
CA VAL A 346 -14.48 31.00 -4.09
C VAL A 346 -13.53 31.94 -4.84
N PRO A 347 -13.87 33.26 -4.93
CA PRO A 347 -13.13 34.30 -5.66
C PRO A 347 -11.58 34.23 -5.59
N VAL A 348 -10.94 34.69 -6.67
CA VAL A 348 -9.50 34.49 -6.96
C VAL A 348 -8.44 35.36 -6.24
N ASP A 349 -8.86 36.27 -5.36
CA ASP A 349 -7.88 37.09 -4.63
C ASP A 349 -7.25 36.35 -3.44
N PRO A 350 -5.95 36.62 -3.17
CA PRO A 350 -5.20 35.91 -2.13
C PRO A 350 -5.72 36.10 -0.70
N VAL A 351 -6.32 37.25 -0.40
CA VAL A 351 -6.78 37.54 0.96
C VAL A 351 -7.99 36.73 1.40
N ALA A 352 -8.92 36.48 0.47
CA ALA A 352 -10.15 35.75 0.79
C ALA A 352 -9.90 34.27 1.12
N VAL A 353 -9.09 33.62 0.29
CA VAL A 353 -8.75 32.21 0.46
C VAL A 353 -7.97 31.93 1.77
N VAL A 354 -7.06 32.85 2.11
CA VAL A 354 -6.20 32.69 3.29
C VAL A 354 -6.95 32.83 4.62
N GLU A 355 -8.15 33.41 4.58
CA GLU A 355 -8.98 33.51 5.78
C GLU A 355 -9.93 32.32 5.92
N LYS A 356 -10.24 31.67 4.80
CA LYS A 356 -10.94 30.38 4.80
C LYS A 356 -10.07 29.27 5.44
N LEU A 357 -9.01 29.68 6.13
CA LEU A 357 -8.09 28.79 6.80
C LEU A 357 -7.68 29.37 8.17
N GLY A 358 -6.87 30.44 8.16
CA GLY A 358 -6.38 31.04 9.40
C GLY A 358 -6.05 32.51 9.23
N GLN B 10 13.66 -5.23 14.78
CA GLN B 10 14.80 -4.51 14.11
C GLN B 10 14.32 -3.34 13.22
N PRO B 11 13.34 -2.54 13.72
CA PRO B 11 12.35 -1.82 12.87
C PRO B 11 12.89 -0.65 12.03
N TRP B 12 12.36 -0.49 10.83
CA TRP B 12 12.67 0.66 9.97
C TRP B 12 12.12 1.96 10.57
N PRO B 13 12.99 2.97 10.80
CA PRO B 13 12.48 4.25 11.32
C PRO B 13 12.12 5.16 10.17
N GLY B 14 11.92 6.44 10.44
CA GLY B 14 11.67 7.38 9.34
C GLY B 14 12.90 7.60 8.50
N VAL B 15 12.72 7.64 7.17
CA VAL B 15 13.77 8.12 6.24
C VAL B 15 14.67 9.16 6.89
N ILE B 16 14.07 10.19 7.46
CA ILE B 16 14.82 11.22 8.19
C ILE B 16 15.78 10.61 9.22
N ALA B 17 15.28 9.70 10.05
CA ALA B 17 16.07 9.02 11.09
C ALA B 17 17.14 8.07 10.54
N ALA B 18 16.81 7.31 9.49
CA ALA B 18 17.77 6.42 8.84
C ALA B 18 18.92 7.17 8.16
N TYR B 19 18.63 8.37 7.65
CA TYR B 19 19.62 9.11 6.89
C TYR B 19 19.83 10.54 7.39
N ARG B 20 19.61 10.74 8.70
CA ARG B 20 19.67 12.08 9.30
C ARG B 20 20.96 12.84 8.97
N ASP B 21 22.10 12.16 9.03
CA ASP B 21 23.40 12.79 8.73
C ASP B 21 23.59 13.25 7.27
N ARG B 22 22.78 12.71 6.36
CA ARG B 22 22.88 13.09 4.95
C ARG B 22 21.66 13.90 4.46
N LEU B 23 20.95 14.51 5.41
CA LEU B 23 19.76 15.30 5.12
C LEU B 23 19.85 16.61 5.89
N PRO B 24 19.28 17.70 5.34
CA PRO B 24 19.40 18.97 6.05
C PRO B 24 18.29 19.15 7.08
N VAL B 25 18.52 18.64 8.30
CA VAL B 25 17.56 18.79 9.40
C VAL B 25 18.28 19.17 10.69
N GLY B 26 17.88 20.29 11.27
CA GLY B 26 18.48 20.76 12.52
C GLY B 26 18.22 19.77 13.62
N ASP B 27 18.96 19.87 14.71
CA ASP B 27 18.69 18.97 15.82
C ASP B 27 17.95 19.67 16.97
N ASP B 28 16.83 20.28 16.60
CA ASP B 28 15.81 20.70 17.54
C ASP B 28 14.56 20.09 16.96
N TRP B 29 14.62 19.91 15.64
CA TRP B 29 13.54 19.49 14.78
C TRP B 29 13.13 18.04 15.06
N THR B 30 11.85 17.85 15.39
CA THR B 30 11.31 16.52 15.63
C THR B 30 10.72 15.98 14.32
N PRO B 31 11.24 14.85 13.83
CA PRO B 31 10.81 14.34 12.52
C PRO B 31 9.33 13.96 12.50
N VAL B 32 8.58 14.49 11.53
CA VAL B 32 7.22 14.02 11.27
C VAL B 32 7.28 12.93 10.18
N THR B 33 7.01 11.70 10.60
CA THR B 33 7.27 10.53 9.77
C THR B 33 6.20 9.49 9.95
N LEU B 34 5.93 8.76 8.88
CA LEU B 34 4.93 7.70 8.89
C LEU B 34 5.63 6.37 8.63
N LEU B 35 6.90 6.31 9.05
CA LEU B 35 7.81 5.19 8.76
C LEU B 35 7.91 4.81 7.25
N GLU B 36 7.76 5.84 6.41
CA GLU B 36 8.02 5.78 4.97
C GLU B 36 9.40 5.28 4.57
N GLY B 37 9.53 4.83 3.32
CA GLY B 37 10.80 4.34 2.84
C GLY B 37 11.09 2.93 3.30
N GLY B 38 12.36 2.55 3.18
CA GLY B 38 12.81 1.18 3.41
C GLY B 38 12.04 0.14 2.61
N THR B 39 11.75 0.42 1.36
CA THR B 39 10.80 -0.40 0.62
C THR B 39 11.46 -1.63 -0.03
N PRO B 40 10.67 -2.67 -0.33
CA PRO B 40 11.22 -3.91 -0.89
C PRO B 40 12.05 -3.68 -2.14
N LEU B 41 13.19 -4.35 -2.22
CA LEU B 41 13.89 -4.47 -3.51
C LEU B 41 13.67 -5.90 -3.97
N ILE B 42 12.78 -6.06 -4.95
CA ILE B 42 12.32 -7.38 -5.38
C ILE B 42 13.07 -7.85 -6.61
N ALA B 43 13.67 -9.03 -6.51
CA ALA B 43 14.22 -9.74 -7.65
C ALA B 43 13.09 -10.05 -8.63
N ALA B 44 13.15 -9.45 -9.82
CA ALA B 44 12.18 -9.72 -10.89
C ALA B 44 12.65 -10.90 -11.74
N THR B 45 12.50 -12.11 -11.18
CA THR B 45 13.04 -13.35 -11.75
C THR B 45 12.59 -13.69 -13.17
N ASN B 46 11.28 -13.56 -13.42
CA ASN B 46 10.72 -13.85 -14.73
C ASN B 46 10.97 -12.75 -15.72
N LEU B 47 10.94 -11.50 -15.26
CA LEU B 47 11.32 -10.38 -16.11
C LEU B 47 12.74 -10.58 -16.62
N SER B 48 13.59 -11.18 -15.77
CA SER B 48 14.99 -11.41 -16.08
C SER B 48 15.15 -12.56 -17.07
N LYS B 49 14.42 -13.65 -16.84
CA LYS B 49 14.40 -14.78 -17.77
C LYS B 49 14.16 -14.31 -19.19
N GLN B 50 13.12 -13.50 -19.40
CA GLN B 50 12.76 -13.08 -20.76
C GLN B 50 13.71 -12.03 -21.32
N THR B 51 14.36 -11.29 -20.42
CA THR B 51 15.23 -10.15 -20.76
C THR B 51 16.68 -10.52 -21.10
N GLY B 52 17.30 -11.34 -20.25
CA GLY B 52 18.73 -11.59 -20.30
C GLY B 52 19.51 -10.64 -19.40
N CYS B 53 18.81 -9.94 -18.51
CA CYS B 53 19.47 -9.09 -17.50
C CYS B 53 19.07 -9.52 -16.11
N THR B 54 19.78 -9.05 -15.09
CA THR B 54 19.25 -9.23 -13.75
C THR B 54 18.64 -7.90 -13.32
N ILE B 55 17.36 -7.97 -12.95
CA ILE B 55 16.52 -6.82 -12.72
C ILE B 55 15.93 -6.89 -11.32
N HIS B 56 16.00 -5.78 -10.60
CA HIS B 56 15.30 -5.64 -9.33
C HIS B 56 14.21 -4.57 -9.46
N LEU B 57 13.17 -4.71 -8.66
CA LEU B 57 12.11 -3.72 -8.62
C LEU B 57 12.11 -3.09 -7.24
N LYS B 58 12.45 -1.80 -7.23
CA LYS B 58 12.33 -0.99 -6.03
C LYS B 58 10.85 -0.61 -5.85
N VAL B 59 10.13 -1.39 -5.05
CA VAL B 59 8.68 -1.19 -5.03
C VAL B 59 8.21 -0.07 -4.09
N GLU B 60 7.95 1.09 -4.68
CA GLU B 60 7.66 2.30 -3.91
C GLU B 60 6.18 2.49 -3.61
N GLY B 61 5.33 1.58 -4.08
CA GLY B 61 3.92 1.61 -3.73
C GLY B 61 3.65 1.17 -2.29
N LEU B 62 4.67 0.62 -1.64
CA LEU B 62 4.54 0.16 -0.26
C LEU B 62 5.02 1.19 0.73
N ASN B 63 5.03 2.46 0.31
CA ASN B 63 5.16 3.63 1.19
C ASN B 63 3.76 3.97 1.72
N PRO B 64 3.67 4.59 2.91
CA PRO B 64 2.41 4.96 3.54
C PRO B 64 1.30 5.45 2.58
N THR B 65 1.48 6.56 1.86
CA THR B 65 0.38 7.08 1.03
C THR B 65 0.21 6.40 -0.32
N GLY B 66 1.13 5.50 -0.67
CA GLY B 66 1.02 4.67 -1.88
C GLY B 66 1.96 5.12 -2.99
N SER B 67 2.89 6.01 -2.66
CA SER B 67 3.82 6.55 -3.65
C SER B 67 5.16 6.97 -3.05
N PHE B 68 6.14 7.21 -3.92
CA PHE B 68 7.46 7.60 -3.47
C PHE B 68 7.50 9.02 -2.86
N LYS B 69 6.46 9.79 -3.13
CA LYS B 69 6.42 11.17 -2.71
C LYS B 69 6.44 11.36 -1.17
N ASP B 70 6.06 10.31 -0.44
CA ASP B 70 6.24 10.30 1.01
C ASP B 70 7.70 10.57 1.41
N ARG B 71 8.66 10.14 0.59
CA ARG B 71 10.07 10.37 0.89
C ARG B 71 10.31 11.87 0.97
N GLY B 72 9.77 12.59 -0.03
CA GLY B 72 9.95 14.03 -0.11
C GLY B 72 9.09 14.73 0.91
N MET B 73 7.85 14.28 1.05
CA MET B 73 6.90 14.98 1.88
C MET B 73 7.23 14.90 3.35
N THR B 74 7.96 13.85 3.74
CA THR B 74 8.37 13.70 5.13
C THR B 74 9.28 14.85 5.47
N MET B 75 10.17 15.17 4.55
CA MET B 75 11.10 16.28 4.71
C MET B 75 10.38 17.62 4.71
N ALA B 76 9.61 17.89 3.65
CA ALA B 76 8.92 19.18 3.49
C ALA B 76 8.06 19.51 4.70
N VAL B 77 7.35 18.52 5.24
CA VAL B 77 6.45 18.77 6.35
C VAL B 77 7.21 18.90 7.68
N THR B 78 8.29 18.13 7.82
CA THR B 78 9.18 18.30 8.98
C THR B 78 9.78 19.70 8.95
N ASP B 79 10.25 20.11 7.77
CA ASP B 79 10.81 21.43 7.53
C ASP B 79 9.76 22.49 7.80
N ALA B 80 8.54 22.22 7.33
CA ALA B 80 7.41 23.12 7.53
C ALA B 80 7.07 23.29 9.01
N LEU B 81 6.95 22.16 9.72
CA LEU B 81 6.67 22.16 11.17
C LEU B 81 7.72 22.96 11.96
N ALA B 82 8.99 22.74 11.63
CA ALA B 82 10.09 23.41 12.31
C ALA B 82 10.11 24.94 12.12
N HIS B 83 9.84 25.40 10.90
CA HIS B 83 9.85 26.83 10.59
C HIS B 83 8.49 27.49 10.88
N GLY B 84 7.80 26.99 11.90
CA GLY B 84 6.57 27.62 12.40
C GLY B 84 5.50 27.87 11.36
N GLN B 85 5.40 26.98 10.38
CA GLN B 85 4.41 27.07 9.32
C GLN B 85 3.09 26.44 9.78
N ARG B 86 1.98 27.09 9.47
CA ARG B 86 0.67 26.60 9.91
C ARG B 86 -0.16 26.02 8.77
N ALA B 87 0.31 26.18 7.53
CA ALA B 87 -0.35 25.56 6.39
C ALA B 87 0.61 25.18 5.28
N VAL B 88 0.36 24.04 4.66
CA VAL B 88 0.99 23.74 3.38
C VAL B 88 -0.04 23.75 2.27
N LEU B 89 0.43 24.18 1.12
CA LEU B 89 -0.42 24.44 0.00
C LEU B 89 0.01 23.56 -1.14
N CYS B 90 -0.96 22.95 -1.81
CA CYS B 90 -0.67 22.18 -3.00
C CYS B 90 -1.61 22.61 -4.13
N ALA B 91 -1.15 22.51 -5.37
CA ALA B 91 -1.98 22.90 -6.51
C ALA B 91 -2.25 21.77 -7.50
N SER B 92 -1.92 20.55 -7.11
CA SER B 92 -2.09 19.40 -7.98
C SER B 92 -3.06 18.38 -7.36
N THR B 93 -3.87 17.73 -8.20
CA THR B 93 -4.80 16.70 -7.73
C THR B 93 -4.13 15.34 -7.54
N GLY B 94 -2.88 15.21 -7.98
CA GLY B 94 -2.22 13.90 -8.02
C GLY B 94 -1.80 13.32 -6.69
N ASN B 95 -0.80 12.46 -6.75
CA ASN B 95 -0.23 11.79 -5.58
C ASN B 95 0.45 12.73 -4.59
N THR B 96 0.90 13.89 -5.08
CA THR B 96 1.49 14.92 -4.25
C THR B 96 0.56 15.29 -3.09
N SER B 97 -0.69 15.51 -3.44
CA SER B 97 -1.65 16.09 -2.53
C SER B 97 -2.05 15.09 -1.45
N ALA B 98 -2.11 13.81 -1.80
CA ALA B 98 -2.36 12.77 -0.80
C ALA B 98 -1.16 12.65 0.13
N SER B 99 0.05 12.63 -0.44
CA SER B 99 1.24 12.53 0.37
C SER B 99 1.35 13.76 1.23
N ALA B 100 1.08 14.91 0.63
CA ALA B 100 1.15 16.18 1.35
C ALA B 100 0.14 16.20 2.50
N ALA B 101 -1.06 15.67 2.24
CA ALA B 101 -2.17 15.82 3.18
C ALA B 101 -1.97 14.98 4.41
N ALA B 102 -1.37 13.80 4.23
CA ALA B 102 -1.19 12.86 5.33
C ALA B 102 -0.16 13.34 6.32
N TYR B 103 0.99 13.79 5.80
CA TYR B 103 2.05 14.30 6.66
C TYR B 103 1.60 15.58 7.32
N ALA B 104 0.79 16.36 6.61
CA ALA B 104 0.20 17.56 7.19
C ALA B 104 -0.70 17.20 8.38
N ALA B 105 -1.51 16.15 8.21
CA ALA B 105 -2.35 15.64 9.30
C ALA B 105 -1.55 15.17 10.53
N ARG B 106 -0.54 14.34 10.30
CA ARG B 106 0.29 13.82 11.39
C ARG B 106 1.00 14.95 12.12
N ALA B 107 1.36 16.00 11.37
CA ALA B 107 2.05 17.14 11.94
C ALA B 107 1.09 18.09 12.64
N GLY B 108 -0.20 17.98 12.31
CA GLY B 108 -1.21 18.89 12.80
C GLY B 108 -1.08 20.28 12.19
N ILE B 109 -0.89 20.34 10.88
CA ILE B 109 -0.98 21.62 10.16
C ILE B 109 -2.04 21.53 9.06
N THR B 110 -2.52 22.69 8.60
CA THR B 110 -3.51 22.72 7.54
C THR B 110 -2.90 22.31 6.20
N CYS B 111 -3.66 21.51 5.46
CA CYS B 111 -3.32 21.19 4.10
C CYS B 111 -4.42 21.70 3.20
N ALA B 112 -4.02 22.48 2.19
CA ALA B 112 -4.99 23.10 1.31
C ALA B 112 -4.64 22.84 -0.16
N VAL B 113 -5.64 22.49 -0.94
CA VAL B 113 -5.41 22.20 -2.33
C VAL B 113 -6.24 23.18 -3.17
N LEU B 114 -5.60 23.77 -4.18
CA LEU B 114 -6.28 24.71 -5.06
C LEU B 114 -6.70 24.02 -6.35
N ILE B 115 -8.00 23.95 -6.59
CA ILE B 115 -8.50 23.29 -7.80
C ILE B 115 -9.15 24.26 -8.79
N PRO B 116 -9.10 23.93 -10.10
CA PRO B 116 -9.66 24.85 -11.11
C PRO B 116 -11.19 24.91 -11.12
N GLN B 117 -11.72 25.74 -12.02
CA GLN B 117 -13.14 26.00 -12.15
C GLN B 117 -13.84 24.82 -12.78
N GLY B 118 -15.10 24.61 -12.40
CA GLY B 118 -15.95 23.59 -13.02
C GLY B 118 -15.83 22.19 -12.45
N LYS B 119 -15.76 21.21 -13.35
CA LYS B 119 -15.78 19.79 -13.02
C LYS B 119 -14.64 19.39 -12.07
N ILE B 120 -15.03 18.99 -10.86
CA ILE B 120 -14.11 18.49 -9.85
C ILE B 120 -13.80 17.02 -10.08
N ALA B 121 -12.51 16.71 -10.19
CA ALA B 121 -12.06 15.32 -10.23
C ALA B 121 -12.05 14.76 -8.80
N MET B 122 -13.19 14.21 -8.38
CA MET B 122 -13.38 13.80 -6.99
C MET B 122 -12.56 12.57 -6.58
N GLY B 123 -12.62 11.51 -7.38
CA GLY B 123 -11.85 10.29 -7.12
C GLY B 123 -10.39 10.60 -6.80
N LYS B 124 -9.78 11.41 -7.67
CA LYS B 124 -8.38 11.83 -7.55
C LYS B 124 -8.06 12.52 -6.23
N LEU B 125 -9.07 13.14 -5.60
CA LEU B 125 -8.84 13.91 -4.37
C LEU B 125 -9.29 13.27 -3.05
N ALA B 126 -10.03 12.16 -3.12
CA ALA B 126 -10.57 11.48 -1.94
C ALA B 126 -9.55 11.24 -0.80
N GLN B 127 -8.41 10.64 -1.13
CA GLN B 127 -7.37 10.37 -0.14
C GLN B 127 -6.95 11.65 0.61
N ALA B 128 -6.70 12.71 -0.16
CA ALA B 128 -6.28 14.00 0.40
C ALA B 128 -7.28 14.52 1.42
N VAL B 129 -8.54 14.67 1.00
CA VAL B 129 -9.62 15.13 1.88
C VAL B 129 -9.97 14.11 2.98
N MET B 130 -9.49 12.88 2.83
CA MET B 130 -9.66 11.87 3.87
C MET B 130 -8.70 12.14 5.02
N HIS B 131 -7.55 12.74 4.68
CA HIS B 131 -6.58 13.19 5.65
C HIS B 131 -6.86 14.61 6.08
N GLY B 132 -7.99 15.17 5.65
CA GLY B 132 -8.38 16.53 6.05
C GLY B 132 -7.89 17.72 5.23
N ALA B 133 -7.45 17.48 3.99
CA ALA B 133 -7.11 18.57 3.09
C ALA B 133 -8.35 19.39 2.81
N LYS B 134 -8.18 20.71 2.83
CA LYS B 134 -9.21 21.67 2.46
C LYS B 134 -9.09 21.95 0.97
N ILE B 135 -10.11 21.54 0.21
CA ILE B 135 -10.16 21.82 -1.20
C ILE B 135 -10.76 23.21 -1.41
N ILE B 136 -10.00 24.07 -2.08
CA ILE B 136 -10.46 25.40 -2.40
C ILE B 136 -10.57 25.51 -3.91
N GLN B 137 -11.82 25.57 -4.39
CA GLN B 137 -12.08 25.77 -5.81
C GLN B 137 -11.98 27.25 -6.14
N ILE B 138 -11.47 27.52 -7.32
CA ILE B 138 -11.08 28.87 -7.71
C ILE B 138 -11.82 29.33 -8.97
N ASP B 139 -11.92 30.64 -9.16
CA ASP B 139 -12.56 31.22 -10.34
C ASP B 139 -11.57 31.34 -11.51
N GLY B 140 -10.80 30.29 -11.74
CA GLY B 140 -9.72 30.32 -12.73
C GLY B 140 -9.27 28.99 -13.32
N ASN B 141 -8.06 29.00 -13.87
CA ASN B 141 -7.51 27.89 -14.64
C ASN B 141 -6.49 27.12 -13.81
N PHE B 142 -6.06 25.96 -14.30
CA PHE B 142 -4.95 25.24 -13.67
C PHE B 142 -3.74 26.17 -13.59
N ASP B 143 -3.61 27.06 -14.57
CA ASP B 143 -2.56 28.06 -14.58
C ASP B 143 -2.76 29.16 -13.55
N ASP B 144 -4.00 29.64 -13.43
CA ASP B 144 -4.34 30.63 -12.40
C ASP B 144 -4.21 30.04 -10.99
N CYS B 145 -4.34 28.72 -10.90
CA CYS B 145 -4.16 28.00 -9.64
C CYS B 145 -2.69 27.98 -9.20
N LEU B 146 -1.78 27.71 -10.13
CA LEU B 146 -0.35 27.71 -9.84
C LEU B 146 0.12 29.08 -9.36
N GLU B 147 -0.46 30.13 -9.96
CA GLU B 147 -0.14 31.50 -9.61
C GLU B 147 -0.65 31.93 -8.24
N LEU B 148 -1.89 31.58 -7.90
CA LEU B 148 -2.47 32.05 -6.64
C LEU B 148 -1.70 31.47 -5.46
N ALA B 149 -1.22 30.24 -5.63
CA ALA B 149 -0.46 29.53 -4.61
C ALA B 149 0.92 30.16 -4.41
N ARG B 150 1.63 30.36 -5.52
CA ARG B 150 2.96 30.96 -5.51
C ARG B 150 2.89 32.34 -4.84
N LYS B 151 1.83 33.09 -5.14
CA LYS B 151 1.61 34.42 -4.56
C LYS B 151 1.34 34.31 -3.06
N MET B 152 0.37 33.48 -2.70
CA MET B 152 0.02 33.19 -1.30
C MET B 152 1.23 32.72 -0.47
N ALA B 153 2.11 31.94 -1.10
CA ALA B 153 3.32 31.42 -0.46
C ALA B 153 4.29 32.53 -0.07
N ALA B 154 4.49 33.48 -0.98
CA ALA B 154 5.50 34.53 -0.81
C ALA B 154 4.96 35.82 -0.18
N ASP B 155 3.65 35.87 0.08
CA ASP B 155 3.03 37.00 0.78
C ASP B 155 2.55 36.62 2.19
N PHE B 156 2.69 35.34 2.55
CA PHE B 156 2.42 34.87 3.91
C PHE B 156 3.51 33.89 4.37
N PRO B 157 4.34 34.33 5.33
CA PRO B 157 5.50 33.53 5.76
C PRO B 157 5.13 32.34 6.65
N THR B 158 3.85 32.00 6.72
CA THR B 158 3.39 30.85 7.50
C THR B 158 2.73 29.81 6.59
N ILE B 159 2.71 30.10 5.28
CA ILE B 159 2.15 29.21 4.26
C ILE B 159 3.30 28.68 3.39
N SER B 160 3.49 27.38 3.37
CA SER B 160 4.55 26.77 2.55
C SER B 160 3.96 26.07 1.33
N LEU B 161 4.51 26.36 0.15
CA LEU B 161 4.13 25.65 -1.08
C LEU B 161 4.93 24.36 -1.24
N VAL B 162 4.25 23.23 -1.34
CA VAL B 162 4.92 21.92 -1.41
C VAL B 162 5.03 21.27 -2.79
N ASN B 163 5.14 22.08 -3.84
CA ASN B 163 5.30 21.54 -5.20
C ASN B 163 6.60 20.70 -5.37
N SER B 164 6.86 20.25 -6.60
CA SER B 164 7.91 19.25 -6.88
C SER B 164 9.34 19.78 -6.84
N VAL B 165 9.50 21.02 -7.28
CA VAL B 165 10.81 21.66 -7.36
C VAL B 165 11.37 22.07 -6.00
N ASN B 166 10.55 21.94 -4.96
CA ASN B 166 10.97 22.18 -3.57
C ASN B 166 12.27 21.41 -3.24
N PRO B 167 13.38 22.13 -3.02
CA PRO B 167 14.66 21.44 -2.78
C PRO B 167 14.62 20.47 -1.60
N VAL B 168 13.79 20.76 -0.60
CA VAL B 168 13.64 19.90 0.57
C VAL B 168 13.03 18.54 0.20
N ARG B 169 12.14 18.53 -0.79
CA ARG B 169 11.53 17.28 -1.25
C ARG B 169 12.57 16.35 -1.85
N ILE B 170 13.35 16.91 -2.77
CA ILE B 170 14.39 16.17 -3.49
C ILE B 170 15.38 15.54 -2.53
N GLU B 171 15.71 16.26 -1.47
CA GLU B 171 16.62 15.74 -0.46
C GLU B 171 16.08 14.45 0.12
N GLY B 172 14.82 14.46 0.55
CA GLY B 172 14.17 13.24 1.00
C GLY B 172 14.09 12.14 -0.06
N GLN B 173 13.84 12.53 -1.31
CA GLN B 173 13.66 11.55 -2.40
C GLN B 173 14.95 10.85 -2.86
N LYS B 174 16.11 11.41 -2.54
CA LYS B 174 17.37 10.81 -2.94
C LYS B 174 17.65 9.53 -2.17
N THR B 175 16.98 9.40 -1.02
CA THR B 175 17.25 8.31 -0.06
C THR B 175 16.93 6.93 -0.62
N ALA B 176 16.18 6.88 -1.71
CA ALA B 176 15.89 5.61 -2.36
C ALA B 176 17.17 5.04 -2.92
N ALA B 177 17.98 5.91 -3.55
CA ALA B 177 19.26 5.50 -4.11
C ALA B 177 20.12 4.89 -3.01
N PHE B 178 20.02 5.49 -1.81
CA PHE B 178 20.74 5.00 -0.65
C PHE B 178 20.32 3.59 -0.31
N GLU B 179 19.01 3.34 -0.28
CA GLU B 179 18.49 2.03 0.08
C GLU B 179 18.99 0.95 -0.88
N ILE B 180 18.87 1.23 -2.17
CA ILE B 180 19.34 0.36 -3.24
C ILE B 180 20.80 -0.07 -3.04
N VAL B 181 21.66 0.89 -2.73
CA VAL B 181 23.08 0.60 -2.54
C VAL B 181 23.32 -0.12 -1.22
N ASP B 182 22.57 0.27 -0.19
CA ASP B 182 22.69 -0.36 1.11
C ASP B 182 22.42 -1.87 0.97
N VAL B 183 21.39 -2.21 0.19
CA VAL B 183 20.91 -3.58 0.03
C VAL B 183 21.69 -4.37 -1.01
N LEU B 184 21.92 -3.78 -2.19
CA LEU B 184 22.73 -4.46 -3.22
C LEU B 184 24.24 -4.55 -2.95
N GLY B 185 24.78 -3.62 -2.17
CA GLY B 185 26.22 -3.56 -1.91
C GLY B 185 26.97 -2.73 -2.95
N THR B 186 26.39 -2.58 -4.14
CA THR B 186 26.89 -1.64 -5.16
C THR B 186 25.70 -0.94 -5.78
N ALA B 187 25.96 0.03 -6.65
CA ALA B 187 24.93 0.62 -7.50
C ALA B 187 24.71 -0.30 -8.70
N PRO B 188 23.49 -0.27 -9.29
CA PRO B 188 23.30 -1.10 -10.48
C PRO B 188 24.06 -0.52 -11.70
N ASP B 189 23.98 -1.20 -12.85
CA ASP B 189 24.59 -0.69 -14.08
C ASP B 189 23.70 0.37 -14.72
N VAL B 190 22.40 0.14 -14.69
CA VAL B 190 21.44 1.17 -15.10
C VAL B 190 20.30 1.24 -14.10
N HIS B 191 19.87 2.45 -13.80
CA HIS B 191 18.68 2.66 -12.99
C HIS B 191 17.55 3.24 -13.82
N ALA B 192 16.46 2.50 -13.87
CA ALA B 192 15.35 2.85 -14.74
C ALA B 192 14.18 3.40 -13.93
N LEU B 193 13.63 4.52 -14.38
CA LEU B 193 12.47 5.09 -13.69
C LEU B 193 11.61 5.99 -14.56
N PRO B 194 10.34 6.22 -14.16
CA PRO B 194 9.46 7.04 -14.99
C PRO B 194 9.76 8.51 -14.73
N VAL B 195 9.39 9.39 -15.65
CA VAL B 195 9.74 10.79 -15.49
C VAL B 195 8.54 11.69 -15.78
N GLY B 196 8.18 12.49 -14.78
CA GLY B 196 7.09 13.42 -14.97
C GLY B 196 7.59 14.84 -14.91
N ASN B 197 7.87 15.30 -13.69
CA ASN B 197 8.40 16.63 -13.46
C ASN B 197 9.89 16.54 -13.24
N ALA B 198 10.36 15.31 -13.16
CA ALA B 198 11.79 15.00 -13.20
C ALA B 198 12.47 15.20 -11.87
N GLY B 199 11.67 15.37 -10.82
CA GLY B 199 12.20 15.50 -9.47
C GLY B 199 12.87 14.21 -9.02
N ASN B 200 12.25 13.08 -9.36
CA ASN B 200 12.74 11.79 -8.90
C ASN B 200 14.05 11.40 -9.58
N ILE B 201 14.12 11.57 -10.90
CA ILE B 201 15.31 11.20 -11.62
C ILE B 201 16.49 12.07 -11.16
N THR B 202 16.19 13.34 -10.88
CA THR B 202 17.15 14.27 -10.34
C THR B 202 17.60 13.77 -8.99
N ALA B 203 16.62 13.36 -8.18
CA ALA B 203 16.86 12.96 -6.81
C ALA B 203 17.68 11.66 -6.73
N TYR B 204 17.35 10.67 -7.55
CA TYR B 204 18.12 9.43 -7.55
C TYR B 204 19.58 9.72 -7.90
N TRP B 205 19.79 10.45 -8.98
CA TRP B 205 21.14 10.83 -9.42
C TRP B 205 21.93 11.57 -8.35
N LYS B 206 21.25 12.45 -7.60
CA LYS B 206 21.85 13.14 -6.45
C LYS B 206 22.30 12.12 -5.42
N GLY B 207 21.45 11.12 -5.20
CA GLY B 207 21.74 10.07 -4.24
C GLY B 207 22.90 9.21 -4.65
N TYR B 208 22.96 8.82 -5.92
CA TYR B 208 24.08 7.98 -6.37
C TYR B 208 25.41 8.71 -6.26
N THR B 209 25.44 9.96 -6.72
CA THR B 209 26.64 10.79 -6.63
C THR B 209 27.06 11.05 -5.19
N GLU B 210 26.10 11.29 -4.31
CA GLU B 210 26.40 11.51 -2.91
C GLU B 210 27.14 10.31 -2.34
N TYR B 211 26.66 9.12 -2.69
CA TYR B 211 27.31 7.88 -2.27
C TYR B 211 28.66 7.62 -2.98
N HIS B 212 28.82 8.17 -4.18
CA HIS B 212 30.10 8.18 -4.91
C HIS B 212 31.06 9.13 -4.21
N GLN B 213 30.59 10.32 -3.86
CA GLN B 213 31.38 11.35 -3.16
C GLN B 213 31.85 10.92 -1.78
N LEU B 214 31.11 9.98 -1.19
CA LEU B 214 31.36 9.52 0.16
C LEU B 214 32.16 8.21 0.17
N GLY B 215 32.36 7.63 -1.02
CA GLY B 215 33.22 6.46 -1.21
C GLY B 215 32.55 5.10 -1.14
N LEU B 216 31.23 5.06 -1.29
CA LEU B 216 30.47 3.82 -1.14
C LEU B 216 30.22 3.02 -2.44
N ILE B 217 30.55 3.62 -3.59
CA ILE B 217 30.50 2.92 -4.89
C ILE B 217 31.62 3.35 -5.86
N ASP B 218 32.16 2.39 -6.62
CA ASP B 218 33.18 2.65 -7.63
C ASP B 218 32.64 3.36 -8.90
N LYS B 219 31.41 3.03 -9.28
CA LYS B 219 30.83 3.50 -10.55
C LYS B 219 29.32 3.81 -10.45
N LEU B 220 28.94 4.88 -11.13
CA LEU B 220 27.57 5.42 -11.13
C LEU B 220 26.72 4.74 -12.20
N PRO B 221 25.43 4.51 -11.92
CA PRO B 221 24.56 3.87 -12.91
C PRO B 221 24.15 4.83 -14.01
N ARG B 222 23.91 4.31 -15.21
CA ARG B 222 23.34 5.11 -16.29
C ARG B 222 21.83 5.30 -15.99
N MET B 223 21.38 6.54 -15.89
CA MET B 223 19.98 6.82 -15.57
C MET B 223 19.12 6.72 -16.83
N LEU B 224 18.18 5.78 -16.82
CA LEU B 224 17.21 5.64 -17.89
C LEU B 224 15.83 6.15 -17.45
N GLY B 225 15.31 7.15 -18.14
CA GLY B 225 14.01 7.70 -17.76
C GLY B 225 13.00 7.60 -18.88
N THR B 226 11.86 6.98 -18.59
CA THR B 226 10.82 6.83 -19.59
C THR B 226 9.68 7.80 -19.39
N GLN B 227 9.22 8.37 -20.49
CA GLN B 227 7.98 9.15 -20.52
C GLN B 227 7.02 8.44 -21.45
N ALA B 228 5.75 8.79 -21.34
CA ALA B 228 4.75 8.30 -22.28
C ALA B 228 4.94 8.97 -23.66
N ALA B 229 4.62 8.26 -24.74
CA ALA B 229 4.83 8.83 -26.09
C ALA B 229 4.04 10.13 -26.30
N GLY B 230 2.90 10.24 -25.60
CA GLY B 230 2.04 11.42 -25.72
C GLY B 230 2.44 12.54 -24.79
N ALA B 231 3.29 12.24 -23.82
CA ALA B 231 3.79 13.24 -22.89
C ALA B 231 5.31 13.11 -22.76
N ALA B 232 6.03 13.37 -23.85
CA ALA B 232 7.47 13.08 -23.91
C ALA B 232 8.40 14.29 -24.16
N PRO B 233 8.19 15.40 -23.42
CA PRO B 233 8.99 16.58 -23.69
C PRO B 233 10.49 16.36 -23.62
N LEU B 234 10.97 15.54 -22.68
CA LEU B 234 12.41 15.30 -22.54
C LEU B 234 13.03 14.44 -23.64
N VAL B 235 12.27 13.48 -24.17
CA VAL B 235 12.69 12.71 -25.33
C VAL B 235 12.70 13.58 -26.57
N LEU B 236 11.64 14.37 -26.73
CA LEU B 236 11.39 15.15 -27.95
C LEU B 236 12.17 16.45 -28.04
N GLY B 237 12.78 16.89 -26.92
CA GLY B 237 13.62 18.09 -26.87
C GLY B 237 12.93 19.44 -26.68
N GLU B 238 11.63 19.48 -26.96
CA GLU B 238 10.82 20.69 -26.75
C GLU B 238 9.66 20.40 -25.79
N PRO B 239 8.99 21.44 -25.27
CA PRO B 239 7.82 21.22 -24.40
C PRO B 239 6.57 20.77 -25.15
N VAL B 240 5.60 20.19 -24.45
CA VAL B 240 4.40 19.60 -25.06
C VAL B 240 3.14 20.30 -24.53
N SER B 241 2.29 20.76 -25.44
CA SER B 241 1.15 21.63 -25.11
C SER B 241 0.00 20.89 -24.43
N HIS B 242 -0.56 19.89 -25.11
CA HIS B 242 -1.66 19.12 -24.53
C HIS B 242 -1.26 17.67 -24.32
N PRO B 243 -0.53 17.38 -23.22
CA PRO B 243 -0.02 16.04 -22.97
C PRO B 243 -1.15 15.03 -22.92
N GLU B 244 -0.84 13.77 -23.21
CA GLU B 244 -1.87 12.77 -23.36
C GLU B 244 -1.29 11.42 -23.00
N THR B 245 -1.91 10.76 -22.01
CA THR B 245 -1.49 9.43 -21.55
C THR B 245 -2.38 8.90 -20.43
N ILE B 246 -2.62 7.58 -20.43
CA ILE B 246 -3.31 6.94 -19.30
C ILE B 246 -2.55 7.09 -17.96
N ALA B 247 -1.23 7.28 -18.05
CA ALA B 247 -0.34 7.40 -16.88
C ALA B 247 -0.39 8.79 -16.23
N THR B 248 -1.51 9.12 -15.62
CA THR B 248 -1.75 10.44 -15.05
C THR B 248 -0.53 11.08 -14.40
N ALA B 249 0.20 10.31 -13.60
CA ALA B 249 1.34 10.77 -12.81
C ALA B 249 2.53 11.33 -13.62
N ILE B 250 2.61 10.98 -14.91
CA ILE B 250 3.68 11.47 -15.78
C ILE B 250 3.12 12.20 -17.01
N ARG B 251 1.86 12.63 -16.87
CA ARG B 251 1.17 13.43 -17.87
C ARG B 251 1.57 14.90 -17.73
N ILE B 252 2.85 15.16 -17.98
CA ILE B 252 3.43 16.49 -17.83
C ILE B 252 4.06 16.91 -19.15
N GLY B 253 3.66 18.07 -19.65
CA GLY B 253 4.19 18.60 -20.89
C GLY B 253 5.37 19.51 -20.70
N SER B 254 5.71 19.77 -19.43
CA SER B 254 6.70 20.76 -19.06
C SER B 254 7.27 20.50 -17.66
N PRO B 255 8.31 19.64 -17.57
CA PRO B 255 8.93 19.30 -16.28
C PRO B 255 9.35 20.55 -15.52
N ALA B 256 9.05 20.57 -14.23
CA ALA B 256 9.48 21.64 -13.35
C ALA B 256 10.99 21.59 -13.11
N SER B 257 11.57 20.39 -13.18
CA SER B 257 13.00 20.19 -13.03
C SER B 257 13.58 19.79 -14.37
N TRP B 258 13.27 20.57 -15.40
CA TRP B 258 13.72 20.24 -16.75
C TRP B 258 15.27 20.32 -16.84
N THR B 259 15.83 21.32 -16.18
CA THR B 259 17.28 21.53 -16.13
C THR B 259 18.02 20.36 -15.47
N SER B 260 17.71 20.08 -14.21
CA SER B 260 18.50 19.15 -13.45
C SER B 260 18.30 17.71 -13.93
N ALA B 261 17.25 17.50 -14.74
CA ALA B 261 17.02 16.17 -15.32
C ALA B 261 18.00 15.95 -16.45
N VAL B 262 18.10 16.95 -17.32
CA VAL B 262 19.04 16.89 -18.45
C VAL B 262 20.48 16.73 -17.97
N GLU B 263 20.84 17.45 -16.90
CA GLU B 263 22.14 17.27 -16.25
C GLU B 263 22.38 15.81 -15.81
N ALA B 264 21.38 15.22 -15.15
CA ALA B 264 21.48 13.84 -14.70
C ALA B 264 21.79 12.91 -15.87
N GLN B 265 21.06 13.07 -16.97
CA GLN B 265 21.27 12.30 -18.18
C GLN B 265 22.65 12.62 -18.78
N GLN B 266 22.96 13.90 -18.91
CA GLN B 266 24.28 14.26 -19.45
C GLN B 266 25.44 13.65 -18.66
N GLN B 267 25.39 13.76 -17.34
CA GLN B 267 26.53 13.36 -16.53
C GLN B 267 26.49 11.92 -16.03
N SER B 268 25.37 11.24 -16.28
CA SER B 268 25.30 9.80 -16.00
C SER B 268 25.47 8.97 -17.26
N LYS B 269 25.65 9.62 -18.41
CA LYS B 269 25.64 8.97 -19.72
C LYS B 269 24.34 8.16 -19.89
N GLY B 270 23.22 8.78 -19.52
CA GLY B 270 21.91 8.10 -19.51
C GLY B 270 21.09 8.36 -20.75
N ARG B 271 19.81 7.98 -20.71
CA ARG B 271 18.94 8.15 -21.88
C ARG B 271 17.49 8.42 -21.50
N PHE B 272 16.83 9.25 -22.31
CA PHE B 272 15.40 9.48 -22.20
C PHE B 272 14.72 8.78 -23.36
N LEU B 273 13.63 8.09 -23.04
CA LEU B 273 12.94 7.24 -24.00
C LEU B 273 11.42 7.44 -23.88
N ALA B 274 10.73 7.37 -25.00
CA ALA B 274 9.26 7.32 -24.97
C ALA B 274 8.77 5.89 -25.14
N ALA B 275 7.66 5.59 -24.48
CA ALA B 275 6.93 4.32 -24.63
C ALA B 275 5.48 4.64 -24.97
N SER B 276 4.87 3.87 -25.86
CA SER B 276 3.48 4.09 -26.27
C SER B 276 2.52 3.71 -25.15
N ASP B 277 1.29 4.19 -25.24
CA ASP B 277 0.28 3.80 -24.27
C ASP B 277 0.10 2.29 -24.23
N GLU B 278 0.08 1.65 -25.41
CA GLU B 278 -0.07 0.19 -25.51
C GLU B 278 1.04 -0.55 -24.77
N GLU B 279 2.29 -0.15 -25.05
CA GLU B 279 3.48 -0.76 -24.45
C GLU B 279 3.48 -0.66 -22.92
N ILE B 280 2.96 0.46 -22.40
CA ILE B 280 2.83 0.69 -20.98
C ILE B 280 1.81 -0.27 -20.37
N LEU B 281 0.69 -0.44 -21.07
CA LEU B 281 -0.31 -1.40 -20.65
C LEU B 281 0.23 -2.82 -20.64
N ALA B 282 0.98 -3.18 -21.69
CA ALA B 282 1.62 -4.49 -21.72
C ALA B 282 2.43 -4.75 -20.45
N ALA B 283 3.21 -3.76 -20.02
CA ALA B 283 4.09 -3.86 -18.85
C ALA B 283 3.31 -3.92 -17.52
N TYR B 284 2.33 -3.03 -17.38
CA TYR B 284 1.39 -3.01 -16.29
C TYR B 284 0.86 -4.42 -15.99
N HIS B 285 0.33 -5.08 -17.03
CA HIS B 285 -0.14 -6.46 -16.91
C HIS B 285 0.98 -7.44 -16.64
N LEU B 286 2.12 -7.24 -17.31
CA LEU B 286 3.27 -8.12 -17.16
C LEU B 286 3.85 -8.26 -15.74
N VAL B 287 4.14 -7.14 -15.04
CA VAL B 287 4.64 -7.24 -13.67
C VAL B 287 3.65 -7.90 -12.75
N ALA B 288 2.37 -7.56 -12.92
CA ALA B 288 1.33 -8.16 -12.09
C ALA B 288 1.23 -9.65 -12.36
N ARG B 289 1.24 -10.05 -13.63
CA ARG B 289 1.01 -11.45 -13.99
C ARG B 289 2.23 -12.35 -13.79
N VAL B 290 3.40 -11.74 -13.77
CA VAL B 290 4.63 -12.52 -13.82
C VAL B 290 5.53 -12.36 -12.59
N GLU B 291 5.39 -11.24 -11.89
CA GLU B 291 6.17 -10.98 -10.66
C GLU B 291 5.35 -11.04 -9.39
N GLY B 292 4.09 -10.60 -9.51
CA GLY B 292 3.16 -10.53 -8.39
C GLY B 292 3.10 -9.12 -7.83
N VAL B 293 3.53 -8.13 -8.63
CA VAL B 293 3.51 -6.74 -8.17
C VAL B 293 2.49 -5.90 -8.92
N PHE B 294 1.53 -5.38 -8.17
CA PHE B 294 0.45 -4.63 -8.75
C PHE B 294 0.90 -3.19 -8.71
N VAL B 295 1.14 -2.69 -9.90
CA VAL B 295 1.87 -1.48 -10.11
C VAL B 295 0.97 -0.53 -10.87
N GLU B 296 1.05 0.73 -10.51
CA GLU B 296 0.27 1.79 -11.11
C GLU B 296 0.83 2.21 -12.50
N PRO B 297 -0.02 2.71 -13.42
CA PRO B 297 0.42 2.84 -14.81
C PRO B 297 1.71 3.64 -15.06
N ALA B 298 1.96 4.69 -14.27
CA ALA B 298 3.20 5.44 -14.42
C ALA B 298 4.38 4.51 -14.14
N SER B 299 4.26 3.73 -13.08
CA SER B 299 5.27 2.75 -12.72
C SER B 299 5.47 1.73 -13.83
N ALA B 300 4.38 1.39 -14.50
CA ALA B 300 4.44 0.43 -15.58
C ALA B 300 5.36 1.00 -16.65
N ALA B 301 5.17 2.28 -16.99
CA ALA B 301 5.96 2.94 -18.03
C ALA B 301 7.45 2.75 -17.81
N SER B 302 7.90 3.00 -16.58
CA SER B 302 9.29 2.79 -16.19
C SER B 302 9.79 1.46 -16.73
N ILE B 303 9.12 0.37 -16.34
CA ILE B 303 9.41 -0.97 -16.85
C ILE B 303 9.36 -1.02 -18.38
N ALA B 304 8.24 -0.60 -18.97
CA ALA B 304 8.05 -0.69 -20.42
C ALA B 304 9.25 -0.14 -21.17
N GLY B 305 9.66 1.07 -20.78
CA GLY B 305 10.84 1.74 -21.32
C GLY B 305 12.15 1.01 -21.06
N LEU B 306 12.24 0.29 -19.93
CA LEU B 306 13.41 -0.54 -19.64
C LEU B 306 13.43 -1.67 -20.66
N LEU B 307 12.33 -2.41 -20.73
CA LEU B 307 12.16 -3.48 -21.71
C LEU B 307 12.49 -3.00 -23.14
N LYS B 308 11.97 -1.82 -23.51
CA LYS B 308 12.21 -1.27 -24.85
C LYS B 308 13.71 -1.05 -25.13
N ALA B 309 14.44 -0.61 -24.09
CA ALA B 309 15.87 -0.34 -24.18
C ALA B 309 16.73 -1.60 -24.19
N ILE B 310 16.30 -2.68 -23.52
CA ILE B 310 17.04 -3.96 -23.57
C ILE B 310 17.05 -4.58 -24.99
N ASP B 311 15.93 -4.35 -25.72
CA ASP B 311 15.82 -4.79 -27.10
C ASP B 311 16.57 -3.85 -28.03
N ASP B 312 16.45 -2.54 -27.77
CA ASP B 312 17.22 -1.52 -28.50
C ASP B 312 18.72 -1.83 -28.51
N GLY B 313 19.17 -2.53 -27.43
CA GLY B 313 20.58 -2.89 -27.22
C GLY B 313 21.27 -1.98 -26.25
N TRP B 314 20.58 -0.68 -26.01
CA TRP B 314 21.17 0.32 -25.10
C TRP B 314 21.51 -0.27 -23.71
N VAL B 315 20.82 -1.34 -23.32
CA VAL B 315 21.13 -2.03 -22.07
C VAL B 315 21.90 -3.35 -22.38
N ALA B 316 23.21 -3.29 -21.91
CA ALA B 316 24.13 -4.41 -22.15
C ALA B 316 23.53 -5.70 -21.58
N ARG B 317 23.69 -6.78 -22.36
CA ARG B 317 23.33 -8.13 -21.93
C ARG B 317 23.88 -8.41 -20.52
N GLY B 318 23.10 -9.11 -19.71
CA GLY B 318 23.57 -9.54 -18.40
C GLY B 318 24.06 -8.47 -17.43
N SER B 319 23.70 -7.21 -17.69
CA SER B 319 23.97 -6.15 -16.72
C SER B 319 22.92 -6.11 -15.61
N THR B 320 23.18 -5.28 -14.58
CA THR B 320 22.26 -5.16 -13.45
C THR B 320 21.38 -3.93 -13.60
N VAL B 321 20.09 -4.11 -13.37
CA VAL B 321 19.15 -3.00 -13.46
C VAL B 321 18.26 -2.91 -12.21
N VAL B 322 18.11 -1.71 -11.66
CA VAL B 322 17.06 -1.49 -10.68
C VAL B 322 16.00 -0.61 -11.33
N CYS B 323 14.78 -1.11 -11.35
CA CYS B 323 13.70 -0.35 -11.92
C CYS B 323 12.82 0.18 -10.80
N THR B 324 12.73 1.50 -10.66
CA THR B 324 11.87 2.03 -9.63
C THR B 324 10.46 1.89 -10.14
N VAL B 325 9.66 1.19 -9.35
CA VAL B 325 8.26 1.07 -9.65
C VAL B 325 7.58 2.03 -8.64
N THR B 326 7.17 3.19 -9.10
CA THR B 326 6.97 4.37 -8.24
C THR B 326 5.68 4.43 -7.42
N GLY B 327 4.66 3.68 -7.79
CA GLY B 327 3.36 3.80 -7.13
C GLY B 327 2.56 2.52 -7.08
N ASN B 328 1.62 2.45 -6.15
CA ASN B 328 0.80 1.26 -5.94
C ASN B 328 -0.31 1.19 -6.97
N GLY B 329 -0.49 0.00 -7.55
CA GLY B 329 -1.56 -0.24 -8.51
C GLY B 329 -2.90 0.17 -7.96
N LEU B 330 -3.06 0.00 -6.65
CA LEU B 330 -4.27 0.37 -5.96
C LEU B 330 -4.57 1.87 -6.04
N LYS B 331 -3.56 2.67 -6.37
CA LYS B 331 -3.80 4.08 -6.64
C LYS B 331 -4.73 4.33 -7.83
N ASP B 332 -4.72 3.45 -8.84
CA ASP B 332 -5.54 3.63 -10.05
C ASP B 332 -6.56 2.51 -10.29
N PRO B 333 -7.69 2.53 -9.56
CA PRO B 333 -8.67 1.47 -9.79
C PRO B 333 -9.22 1.47 -11.20
N ASP B 334 -9.39 2.64 -11.81
CA ASP B 334 -9.99 2.75 -13.14
C ASP B 334 -9.28 1.96 -14.23
N THR B 335 -7.94 2.00 -14.25
CA THR B 335 -7.15 1.31 -15.26
C THR B 335 -7.28 -0.20 -15.06
N ALA B 336 -7.34 -0.62 -13.80
CA ALA B 336 -7.54 -2.02 -13.43
C ALA B 336 -8.82 -2.62 -14.03
N LEU B 337 -9.89 -1.83 -14.08
CA LEU B 337 -11.15 -2.24 -14.71
C LEU B 337 -11.03 -2.46 -16.23
N LYS B 338 -10.39 -1.53 -16.94
CA LYS B 338 -10.38 -1.54 -18.41
C LYS B 338 -9.83 -2.84 -18.98
N ASP B 339 -10.45 -3.29 -20.07
CA ASP B 339 -10.03 -4.48 -20.80
C ASP B 339 -9.81 -5.70 -19.89
N MET B 340 -10.76 -5.93 -19.00
CA MET B 340 -10.72 -7.07 -18.08
C MET B 340 -11.75 -8.12 -18.51
N PRO B 341 -11.31 -9.40 -18.60
CA PRO B 341 -12.21 -10.46 -19.06
C PRO B 341 -13.42 -10.59 -18.15
N SER B 342 -14.61 -10.63 -18.76
CA SER B 342 -15.81 -11.05 -18.05
C SER B 342 -16.10 -12.49 -18.39
N VAL B 343 -16.08 -13.32 -17.36
CA VAL B 343 -16.40 -14.73 -17.51
C VAL B 343 -17.89 -14.87 -17.23
N SER B 344 -18.52 -15.80 -17.94
CA SER B 344 -19.95 -16.06 -17.80
C SER B 344 -20.19 -17.34 -16.98
N PRO B 345 -21.41 -17.48 -16.37
CA PRO B 345 -21.77 -18.61 -15.48
C PRO B 345 -21.53 -20.01 -16.05
N VAL B 346 -21.08 -20.92 -15.18
CA VAL B 346 -20.69 -22.29 -15.54
C VAL B 346 -21.38 -23.31 -14.57
N PRO B 347 -21.89 -24.44 -15.11
CA PRO B 347 -22.50 -25.53 -14.33
C PRO B 347 -21.78 -25.89 -13.01
N VAL B 348 -22.58 -26.22 -11.98
CA VAL B 348 -22.08 -26.42 -10.60
C VAL B 348 -21.14 -27.61 -10.34
N ASP B 349 -21.26 -28.68 -11.14
CA ASP B 349 -20.49 -29.91 -10.90
C ASP B 349 -18.97 -29.69 -10.95
N PRO B 350 -18.23 -30.25 -9.95
CA PRO B 350 -16.78 -30.13 -9.80
C PRO B 350 -15.95 -30.69 -10.95
N VAL B 351 -16.59 -31.41 -11.87
CA VAL B 351 -15.89 -31.91 -13.05
C VAL B 351 -15.80 -30.79 -14.11
N ALA B 352 -16.89 -30.05 -14.26
CA ALA B 352 -16.98 -28.95 -15.22
C ALA B 352 -16.10 -27.76 -14.86
N VAL B 353 -15.44 -27.82 -13.71
CA VAL B 353 -14.54 -26.75 -13.29
C VAL B 353 -13.06 -27.17 -13.38
N VAL B 354 -12.77 -28.43 -13.09
CA VAL B 354 -11.39 -28.90 -13.00
C VAL B 354 -10.55 -28.86 -14.30
N GLU B 355 -11.16 -29.13 -15.46
CA GLU B 355 -10.40 -29.04 -16.73
C GLU B 355 -10.55 -27.69 -17.43
N LYS B 356 -11.44 -26.86 -16.89
CA LYS B 356 -11.43 -25.43 -17.22
C LYS B 356 -10.31 -24.81 -16.38
N LEU B 357 -9.41 -25.68 -15.92
CA LEU B 357 -8.14 -25.32 -15.29
C LEU B 357 -7.03 -26.23 -15.84
N GLY B 358 -7.11 -27.52 -15.54
CA GLY B 358 -6.14 -28.50 -16.01
C GLY B 358 -5.35 -29.13 -14.87
N1 PLP C . -9.81 -6.76 7.45
C2 PLP C . -9.29 -6.95 6.19
C2A PLP C . -8.68 -5.76 5.47
C3 PLP C . -9.33 -8.22 5.60
O3 PLP C . -8.48 -8.52 4.57
C4 PLP C . -9.88 -9.29 6.30
C4A PLP C . -9.78 -10.67 5.71
C5 PLP C . -10.40 -9.05 7.59
C6 PLP C . -10.36 -7.80 8.15
C5A PLP C . -11.12 -10.14 8.39
O4P PLP C . -10.15 -11.00 8.92
P PLP C . -10.59 -12.43 9.51
O1P PLP C . -11.52 -13.13 8.53
O2P PLP C . -11.28 -12.18 10.85
O3P PLP C . -9.34 -13.25 9.65
N1 PLP D . 5.09 7.79 -10.63
C2 PLP D . 4.31 8.09 -9.54
C2A PLP D . 3.51 7.00 -8.92
C3 PLP D . 4.28 9.39 -9.05
O3 PLP D . 3.36 9.75 -8.09
C4 PLP D . 5.05 10.39 -9.65
C4A PLP D . 4.85 11.83 -9.22
C5 PLP D . 5.83 10.07 -10.75
C6 PLP D . 5.85 8.78 -11.23
C5A PLP D . 6.65 11.10 -11.48
O4P PLP D . 7.68 11.61 -10.66
P PLP D . 8.49 12.90 -11.18
O1P PLP D . 7.47 13.99 -11.45
O2P PLP D . 9.11 12.48 -12.50
O3P PLP D . 9.56 13.34 -10.18
#